data_3L76
#
_entry.id   3L76
#
_cell.length_a   86.210
_cell.length_b   237.710
_cell.length_c   150.080
_cell.angle_alpha   90.00
_cell.angle_beta   90.00
_cell.angle_gamma   90.00
#
_symmetry.space_group_name_H-M   'C 2 2 21'
#
loop_
_entity.id
_entity.type
_entity.pdbx_description
1 polymer Aspartokinase
2 non-polymer THREONINE
3 non-polymer LYSINE
4 non-polymer 'SULFATE ION'
5 water water
#
_entity_poly.entity_id   1
_entity_poly.type   'polypeptide(L)'
_entity_poly.pdbx_seq_one_letter_code
;MALIVQKFGGTSVGTVERIQAVAQRIKRTVQGGNSLVVVVSAMGKSTDVLVDLAQQISPNPCRREMDMLLSTGEQVSIAL
LSLALQEIDQPAISLTGAQVGIVTEAEHSRARILEIRPDRLEHHLREGKVVVVAGFQGISSVEHLEITTLGRGGSDTSAV
ALAAALKADFCEIYTDVPGILTTDPRLVPEAQLMAEITCDEMLELASLGAKVLHPRAVEIARNYGIPLVVRSSWSDEPGT
KVVAPPVQNRSLVGLEIAKAVDGVEYDADQAKVALLRVPDRPGVASKLFRDIAQQQVDIDLIIQSIHDGNSNDIAFTVVK
DLLNTAEAVTSAIAPALRSYPEADQEAEIIVEKGIAKIAIAGAGMIGRPGIAAKMFKTLADVGVNIEMISTSEVKVSCVI
DQRDADRAIAALSNAFGVTLSPPKNQTDTSHLPAVRGVALDQDQAQIAIRHVPDRPGMAAQLFTALAEANISVDMIIQSQ
RCRINQGTPCRDIAFMVAEGDSSQAEAILQPLIKDWLDAAIVVNKAIAKVSIVGSGMIGHPGVAAHFFAALAQENINIEM
IATSEIKISCVVPQDRGVDALKAAHSAFNLAGTKTVTVPA
;
_entity_poly.pdbx_strand_id   A,B
#
loop_
_chem_comp.id
_chem_comp.type
_chem_comp.name
_chem_comp.formula
SO4 non-polymer 'SULFATE ION' 'O4 S -2'
#
# COMPACT_ATOMS: atom_id res chain seq x y z
N ALA A 2 12.58 30.92 0.35
CA ALA A 2 11.97 30.32 1.52
C ALA A 2 11.21 29.05 1.16
N LEU A 3 10.00 29.22 0.59
CA LEU A 3 9.14 28.08 0.27
C LEU A 3 9.62 27.28 -0.94
N ILE A 4 10.16 26.09 -0.66
CA ILE A 4 10.79 25.26 -1.68
C ILE A 4 10.11 23.89 -1.74
N VAL A 5 9.69 23.47 -2.94
CA VAL A 5 9.22 22.10 -3.13
C VAL A 5 10.37 21.27 -3.69
N GLN A 6 10.76 20.22 -2.98
CA GLN A 6 11.79 19.31 -3.47
C GLN A 6 11.20 17.94 -3.82
N LYS A 7 11.74 17.30 -4.85
CA LYS A 7 11.32 15.96 -5.24
C LYS A 7 12.55 15.09 -5.38
N PHE A 8 12.43 13.84 -4.94
CA PHE A 8 13.53 12.88 -4.99
C PHE A 8 13.07 11.61 -5.68
N GLY A 9 13.81 11.23 -6.71
CA GLY A 9 13.46 10.04 -7.49
C GLY A 9 13.85 8.73 -6.82
N GLY A 10 13.47 7.63 -7.45
CA GLY A 10 13.72 6.29 -6.93
C GLY A 10 15.14 6.05 -6.47
N THR A 11 16.09 6.15 -7.40
CA THR A 11 17.48 5.87 -7.09
C THR A 11 18.00 6.67 -5.91
N SER A 12 17.57 7.92 -5.83
CA SER A 12 17.99 8.81 -4.76
C SER A 12 17.54 8.27 -3.39
N VAL A 13 16.74 7.22 -3.42
CA VAL A 13 16.07 6.71 -2.22
C VAL A 13 16.08 5.17 -2.22
N GLY A 14 16.95 4.59 -3.03
CA GLY A 14 16.97 3.15 -3.22
C GLY A 14 17.41 2.35 -2.01
N THR A 15 18.24 2.97 -1.17
CA THR A 15 18.77 2.29 0.01
C THR A 15 18.52 3.13 1.25
N VAL A 16 18.53 2.45 2.40
CA VAL A 16 18.29 3.13 3.66
C VAL A 16 19.34 4.19 3.89
N GLU A 17 20.58 3.87 3.51
CA GLU A 17 21.69 4.79 3.67
C GLU A 17 21.42 6.08 2.91
N ARG A 18 21.02 5.95 1.65
CA ARG A 18 20.72 7.10 0.81
C ARG A 18 19.55 7.91 1.36
N ILE A 19 18.54 7.23 1.89
CA ILE A 19 17.41 7.90 2.53
C ILE A 19 17.89 8.81 3.66
N GLN A 20 18.90 8.35 4.38
CA GLN A 20 19.43 9.12 5.50
C GLN A 20 20.18 10.36 5.01
N ALA A 21 20.79 10.24 3.83
CA ALA A 21 21.51 11.36 3.23
C ALA A 21 20.60 12.50 2.79
N VAL A 22 19.51 12.18 2.11
CA VAL A 22 18.59 13.22 1.67
C VAL A 22 18.00 13.89 2.89
N ALA A 23 17.58 13.08 3.85
CA ALA A 23 17.10 13.60 5.13
C ALA A 23 18.08 14.63 5.68
N GLN A 24 19.36 14.34 5.57
CA GLN A 24 20.40 15.27 6.02
C GLN A 24 20.29 16.58 5.26
N ARG A 25 20.28 16.50 3.93
CA ARG A 25 20.21 17.70 3.10
C ARG A 25 18.95 18.52 3.35
N ILE A 26 17.82 17.84 3.48
CA ILE A 26 16.56 18.52 3.80
C ILE A 26 16.74 19.33 5.08
N LYS A 27 17.25 18.68 6.13
CA LYS A 27 17.52 19.38 7.38
C LYS A 27 18.38 20.62 7.14
N ARG A 28 19.51 20.46 6.45
CA ARG A 28 20.39 21.58 6.14
C ARG A 28 19.63 22.69 5.42
N THR A 29 18.79 22.29 4.46
CA THR A 29 17.96 23.23 3.70
C THR A 29 17.02 24.03 4.60
N VAL A 30 16.36 23.33 5.51
CA VAL A 30 15.45 23.97 6.45
C VAL A 30 16.19 25.00 7.29
N GLN A 31 17.33 24.60 7.83
CA GLN A 31 18.11 25.50 8.68
C GLN A 31 18.54 26.73 7.88
N GLY A 32 18.52 26.60 6.56
CA GLY A 32 18.85 27.71 5.69
C GLY A 32 17.86 28.84 5.83
N GLY A 33 16.69 28.53 6.36
CA GLY A 33 15.66 29.52 6.56
C GLY A 33 14.52 29.27 5.60
N ASN A 34 14.33 28.00 5.27
CA ASN A 34 13.35 27.63 4.28
C ASN A 34 12.29 26.69 4.80
N SER A 35 11.11 26.77 4.21
CA SER A 35 10.04 25.81 4.44
C SER A 35 10.04 24.79 3.30
N LEU A 36 9.90 23.52 3.65
CA LEU A 36 10.06 22.45 2.67
C LEU A 36 8.87 21.51 2.51
N VAL A 37 8.41 21.37 1.26
CA VAL A 37 7.47 20.32 0.90
C VAL A 37 8.20 19.30 0.03
N VAL A 38 8.19 18.04 0.46
CA VAL A 38 8.95 17.01 -0.23
C VAL A 38 8.06 15.95 -0.89
N VAL A 39 8.36 15.70 -2.17
CA VAL A 39 7.73 14.62 -2.92
C VAL A 39 8.77 13.52 -3.09
N VAL A 40 8.37 12.28 -2.89
CA VAL A 40 9.32 11.18 -2.98
C VAL A 40 8.74 10.10 -3.86
N SER A 41 9.59 9.47 -4.66
CA SER A 41 9.16 8.35 -5.50
C SER A 41 9.28 7.06 -4.72
N ALA A 42 8.61 6.01 -5.18
CA ALA A 42 8.83 4.68 -4.62
C ALA A 42 10.32 4.37 -4.64
N MET A 43 10.76 3.47 -3.78
CA MET A 43 12.19 3.31 -3.48
C MET A 43 13.18 3.02 -4.61
N GLY A 44 12.89 2.10 -5.49
CA GLY A 44 13.87 1.78 -6.52
C GLY A 44 13.25 1.03 -7.66
N LYS A 45 13.86 -0.08 -8.04
CA LYS A 45 13.21 -0.98 -8.96
C LYS A 45 12.02 -1.60 -8.22
N SER A 46 11.73 -1.06 -7.05
CA SER A 46 10.63 -1.53 -6.21
C SER A 46 9.28 -1.44 -6.92
N THR A 47 9.16 -0.48 -7.83
CA THR A 47 7.93 -0.27 -8.58
C THR A 47 7.87 -1.10 -9.88
N ASP A 48 9.04 -1.45 -10.43
CA ASP A 48 9.08 -2.48 -11.47
C ASP A 48 8.67 -3.80 -10.84
N VAL A 49 9.26 -4.10 -9.68
CA VAL A 49 9.01 -5.33 -8.96
C VAL A 49 7.51 -5.54 -8.76
N LEU A 50 6.81 -4.47 -8.41
CA LEU A 50 5.36 -4.49 -8.23
C LEU A 50 4.63 -4.83 -9.53
N VAL A 51 5.21 -4.43 -10.66
CA VAL A 51 4.59 -4.70 -11.95
C VAL A 51 4.85 -6.14 -12.43
N ASP A 52 6.06 -6.64 -12.16
CA ASP A 52 6.37 -8.03 -12.46
C ASP A 52 5.35 -8.94 -11.79
N LEU A 53 4.91 -8.55 -10.60
CA LEU A 53 3.93 -9.32 -9.84
C LEU A 53 2.53 -9.20 -10.44
N ALA A 54 2.12 -7.97 -10.74
CA ALA A 54 0.80 -7.76 -11.33
C ALA A 54 0.69 -8.48 -12.67
N GLN A 55 1.74 -8.36 -13.48
CA GLN A 55 1.79 -8.96 -14.82
C GLN A 55 1.49 -10.46 -14.76
N GLN A 56 2.10 -11.12 -13.76
CA GLN A 56 1.97 -12.57 -13.62
C GLN A 56 0.52 -13.01 -13.48
N ILE A 57 -0.33 -12.08 -13.05
CA ILE A 57 -1.72 -12.42 -12.78
C ILE A 57 -2.61 -12.05 -13.95
N SER A 58 -2.26 -10.95 -14.62
CA SER A 58 -3.04 -10.42 -15.73
C SER A 58 -2.18 -9.47 -16.56
N PRO A 59 -1.86 -9.87 -17.80
CA PRO A 59 -1.17 -8.94 -18.71
C PRO A 59 -2.11 -7.83 -19.23
N ASN A 60 -3.29 -7.73 -18.63
CA ASN A 60 -4.27 -6.69 -18.95
C ASN A 60 -4.89 -6.13 -17.66
N PRO A 61 -4.05 -5.49 -16.83
CA PRO A 61 -4.36 -5.13 -15.43
C PRO A 61 -5.25 -3.91 -15.28
N CYS A 62 -6.49 -4.09 -14.82
CA CYS A 62 -7.40 -2.95 -14.55
C CYS A 62 -6.66 -1.83 -13.81
N ARG A 63 -6.70 -0.62 -14.37
CA ARG A 63 -5.80 0.45 -13.95
C ARG A 63 -6.12 1.00 -12.56
N ARG A 64 -7.37 0.88 -12.15
CA ARG A 64 -7.76 1.31 -10.81
C ARG A 64 -6.92 0.56 -9.79
N GLU A 65 -6.97 -0.77 -9.86
CA GLU A 65 -6.15 -1.60 -9.02
C GLU A 65 -4.65 -1.25 -9.17
N MET A 66 -4.23 -0.94 -10.39
CA MET A 66 -2.82 -0.63 -10.63
C MET A 66 -2.37 0.64 -9.89
N ASP A 67 -3.20 1.68 -9.93
CA ASP A 67 -2.89 2.93 -9.25
C ASP A 67 -2.70 2.74 -7.74
N MET A 68 -3.67 2.07 -7.11
CA MET A 68 -3.55 1.70 -5.70
C MET A 68 -2.24 0.95 -5.47
N LEU A 69 -2.06 -0.15 -6.20
CA LEU A 69 -0.86 -0.96 -6.08
C LEU A 69 0.40 -0.09 -6.13
N LEU A 70 0.53 0.68 -7.20
CA LEU A 70 1.72 1.50 -7.42
C LEU A 70 1.85 2.60 -6.37
N SER A 71 0.73 3.01 -5.79
CA SER A 71 0.72 4.00 -4.73
C SER A 71 1.41 3.54 -3.45
N THR A 72 1.49 2.23 -3.24
CA THR A 72 2.00 1.72 -1.97
C THR A 72 3.51 1.94 -1.79
N GLY A 73 4.24 1.90 -2.91
CA GLY A 73 5.68 2.13 -2.87
C GLY A 73 6.02 3.55 -2.44
N GLU A 74 5.14 4.48 -2.83
CA GLU A 74 5.28 5.88 -2.49
C GLU A 74 4.97 6.08 -1.03
N GLN A 75 3.96 5.36 -0.54
CA GLN A 75 3.61 5.46 0.87
C GLN A 75 4.73 5.00 1.79
N VAL A 76 5.42 3.89 1.44
CA VAL A 76 6.44 3.41 2.38
C VAL A 76 7.59 4.40 2.41
N SER A 77 7.88 5.00 1.26
CA SER A 77 8.97 5.96 1.14
C SER A 77 8.81 7.23 1.99
N ILE A 78 7.63 7.85 1.97
CA ILE A 78 7.42 9.03 2.79
C ILE A 78 7.40 8.71 4.31
N ALA A 79 6.94 7.50 4.65
CA ALA A 79 7.00 7.06 6.03
C ALA A 79 8.47 6.95 6.46
N LEU A 80 9.25 6.23 5.68
CA LEU A 80 10.67 6.06 5.99
C LEU A 80 11.36 7.40 6.13
N LEU A 81 11.22 8.22 5.10
CA LEU A 81 11.91 9.52 5.05
C LEU A 81 11.59 10.43 6.23
N SER A 82 10.31 10.48 6.62
CA SER A 82 9.89 11.37 7.69
C SER A 82 10.36 10.86 9.05
N LEU A 83 10.53 9.54 9.17
CA LEU A 83 11.14 8.94 10.35
C LEU A 83 12.61 9.30 10.42
N ALA A 84 13.29 9.18 9.28
CA ALA A 84 14.69 9.52 9.16
C ALA A 84 14.97 10.98 9.51
N LEU A 85 14.04 11.86 9.12
CA LEU A 85 14.13 13.27 9.45
C LEU A 85 13.97 13.48 10.95
N GLN A 86 13.02 12.76 11.53
CA GLN A 86 12.71 12.87 12.95
C GLN A 86 13.86 12.32 13.82
N GLU A 87 14.59 11.33 13.29
CA GLU A 87 15.75 10.76 13.98
C GLU A 87 16.92 11.74 14.09
N ILE A 88 16.99 12.70 13.17
CA ILE A 88 17.99 13.77 13.26
C ILE A 88 17.34 15.08 13.68
N ASP A 89 16.24 14.97 14.40
CA ASP A 89 15.58 16.12 15.03
C ASP A 89 15.15 17.16 14.00
N GLN A 90 14.55 16.69 12.92
CA GLN A 90 13.87 17.56 11.96
C GLN A 90 12.36 17.28 12.00
N PRO A 91 11.59 18.19 12.60
CA PRO A 91 10.14 18.02 12.61
C PRO A 91 9.61 17.80 11.20
N ALA A 92 8.94 16.68 10.98
CA ALA A 92 8.40 16.34 9.69
C ALA A 92 7.02 15.75 9.86
N ILE A 93 6.41 15.35 8.75
CA ILE A 93 5.09 14.72 8.78
C ILE A 93 4.68 14.20 7.41
N SER A 94 4.11 13.01 7.37
CA SER A 94 3.69 12.41 6.11
C SER A 94 2.21 12.64 5.84
N LEU A 95 1.91 13.33 4.73
CA LEU A 95 0.54 13.52 4.28
C LEU A 95 0.23 12.61 3.07
N THR A 96 -1.04 12.24 2.94
CA THR A 96 -1.47 11.24 1.96
C THR A 96 -2.86 11.56 1.44
N GLY A 97 -3.18 11.06 0.25
CA GLY A 97 -4.52 11.15 -0.31
C GLY A 97 -5.23 12.48 -0.12
N ALA A 98 -6.45 12.43 0.40
CA ALA A 98 -7.31 13.62 0.47
C ALA A 98 -6.75 14.77 1.30
N GLN A 99 -5.67 14.52 2.03
CA GLN A 99 -5.03 15.56 2.82
C GLN A 99 -4.19 16.48 1.94
N VAL A 100 -3.83 15.98 0.76
CA VAL A 100 -2.99 16.72 -0.19
C VAL A 100 -3.79 17.23 -1.38
N GLY A 101 -4.68 16.41 -1.90
CA GLY A 101 -5.46 16.81 -3.06
C GLY A 101 -6.35 15.74 -3.66
N ILE A 102 -6.98 16.08 -4.78
CA ILE A 102 -7.98 15.22 -5.39
C ILE A 102 -7.82 15.14 -6.90
N VAL A 103 -7.77 13.92 -7.42
CA VAL A 103 -7.78 13.67 -8.85
C VAL A 103 -9.17 13.20 -9.25
N THR A 104 -9.71 13.77 -10.32
CA THR A 104 -11.03 13.36 -10.79
C THR A 104 -10.98 12.87 -12.24
N GLU A 105 -11.66 11.76 -12.53
CA GLU A 105 -11.72 11.26 -13.90
C GLU A 105 -13.08 10.68 -14.24
N ILE A 113 -10.98 15.26 -18.66
CA ILE A 113 -10.18 14.06 -18.42
C ILE A 113 -9.88 13.85 -16.93
N LEU A 114 -8.65 13.48 -16.62
CA LEU A 114 -8.18 13.40 -15.23
C LEU A 114 -7.81 14.81 -14.75
N GLU A 115 -8.35 15.17 -13.61
CA GLU A 115 -8.28 16.55 -13.11
C GLU A 115 -7.80 16.64 -11.65
N ILE A 116 -6.58 17.16 -11.45
CA ILE A 116 -5.95 17.27 -10.14
CA ILE A 116 -5.92 17.27 -10.15
C ILE A 116 -6.19 18.60 -9.44
N ARG A 117 -6.35 18.56 -8.12
CA ARG A 117 -6.49 19.79 -7.34
C ARG A 117 -6.03 19.68 -5.88
N PRO A 118 -4.87 20.26 -5.55
CA PRO A 118 -4.33 20.32 -4.18
C PRO A 118 -5.13 21.18 -3.20
N ASP A 119 -4.79 21.10 -1.91
CA ASP A 119 -5.45 21.87 -0.86
CA ASP A 119 -5.45 21.89 -0.87
C ASP A 119 -4.46 22.69 -0.01
N ARG A 120 -4.40 22.38 1.29
CA ARG A 120 -3.57 23.11 2.25
C ARG A 120 -3.81 22.75 3.73
N LEU A 121 -3.85 21.46 4.04
CA LEU A 121 -3.75 21.07 5.44
C LEU A 121 -2.27 21.08 5.74
N GLU A 122 -1.46 21.27 4.71
CA GLU A 122 -0.02 21.39 4.89
C GLU A 122 0.44 22.84 4.93
N HIS A 123 -0.39 23.74 4.42
CA HIS A 123 -0.19 25.15 4.72
C HIS A 123 -0.20 25.27 6.26
N HIS A 124 -1.09 24.52 6.90
CA HIS A 124 -1.13 24.43 8.36
C HIS A 124 0.11 23.76 8.97
N LEU A 125 0.35 22.51 8.60
CA LEU A 125 1.49 21.75 9.14
C LEU A 125 2.81 22.42 8.77
N ARG A 126 2.72 23.46 7.95
CA ARG A 126 3.87 24.22 7.48
C ARG A 126 4.59 24.86 8.65
N GLU A 127 3.92 24.96 9.80
CA GLU A 127 4.49 25.63 10.96
C GLU A 127 5.36 24.70 11.81
N GLY A 128 6.64 24.66 11.46
CA GLY A 128 7.62 23.83 12.11
C GLY A 128 8.09 22.68 11.22
N LYS A 129 7.12 21.99 10.62
CA LYS A 129 7.37 20.69 10.01
C LYS A 129 7.71 20.74 8.51
N VAL A 130 8.59 19.86 8.06
CA VAL A 130 8.67 19.63 6.62
C VAL A 130 7.58 18.65 6.27
N VAL A 131 6.71 19.04 5.34
CA VAL A 131 5.66 18.12 4.95
C VAL A 131 6.06 17.26 3.77
N VAL A 132 6.03 15.96 4.00
CA VAL A 132 6.44 14.99 3.03
C VAL A 132 5.17 14.33 2.54
N VAL A 133 4.93 14.38 1.23
CA VAL A 133 3.64 13.96 0.72
C VAL A 133 3.68 12.83 -0.28
N ALA A 134 2.55 12.15 -0.37
CA ALA A 134 2.38 11.05 -1.30
C ALA A 134 0.90 10.70 -1.43
N GLY A 135 0.43 10.69 -2.67
CA GLY A 135 -0.93 10.29 -2.95
C GLY A 135 -1.94 11.44 -3.02
N PHE A 136 -2.98 11.20 -3.80
CA PHE A 136 -4.15 12.07 -3.81
C PHE A 136 -5.34 11.16 -3.72
N GLN A 137 -6.49 11.72 -3.40
CA GLN A 137 -7.73 10.97 -3.43
C GLN A 137 -8.28 10.98 -4.85
N GLY A 138 -8.72 9.82 -5.33
CA GLY A 138 -9.29 9.69 -6.66
C GLY A 138 -10.80 9.58 -6.62
N ILE A 139 -11.46 10.39 -7.46
CA ILE A 139 -12.90 10.41 -7.63
C ILE A 139 -13.29 10.05 -9.07
N HIS A 144 -14.65 5.33 -6.04
CA HIS A 144 -13.66 6.23 -5.46
C HIS A 144 -12.40 5.45 -5.03
N LEU A 145 -11.30 6.16 -4.83
CA LEU A 145 -10.05 5.55 -4.34
C LEU A 145 -9.40 6.44 -3.28
N GLU A 146 -9.12 5.89 -2.09
CA GLU A 146 -8.58 6.69 -0.99
C GLU A 146 -7.15 7.22 -1.23
N ILE A 147 -6.29 6.40 -1.84
CA ILE A 147 -4.94 6.83 -2.22
C ILE A 147 -4.52 6.23 -3.57
N THR A 148 -4.21 7.11 -4.52
CA THR A 148 -3.65 6.68 -5.80
C THR A 148 -2.57 7.63 -6.27
N THR A 149 -1.76 7.18 -7.21
CA THR A 149 -0.74 8.02 -7.80
C THR A 149 -1.20 8.48 -9.18
N LEU A 150 -0.40 9.33 -9.82
CA LEU A 150 -0.77 9.90 -11.12
C LEU A 150 -0.19 9.10 -12.30
N GLY A 151 0.63 8.10 -12.00
CA GLY A 151 1.23 7.28 -13.03
C GLY A 151 2.74 7.40 -13.10
N ARG A 152 3.31 6.97 -14.23
CA ARG A 152 4.76 6.89 -14.41
C ARG A 152 5.49 8.17 -14.04
N GLY A 153 5.17 9.26 -14.74
CA GLY A 153 5.81 10.54 -14.50
C GLY A 153 5.09 11.39 -13.48
N GLY A 154 4.30 10.73 -12.63
CA GLY A 154 3.45 11.42 -11.69
C GLY A 154 4.21 12.21 -10.64
N SER A 155 5.38 11.72 -10.27
CA SER A 155 6.16 12.32 -9.19
C SER A 155 6.58 13.75 -9.55
N ASP A 156 7.16 13.92 -10.74
CA ASP A 156 7.53 15.22 -11.30
C ASP A 156 6.34 16.17 -11.40
N THR A 157 5.25 15.65 -11.94
CA THR A 157 4.06 16.46 -12.15
C THR A 157 3.43 16.88 -10.84
N SER A 158 3.38 15.97 -9.88
CA SER A 158 2.83 16.28 -8.57
C SER A 158 3.62 17.42 -7.97
N ALA A 159 4.94 17.32 -8.04
CA ALA A 159 5.82 18.30 -7.43
C ALA A 159 5.56 19.70 -7.98
N VAL A 160 5.56 19.81 -9.30
CA VAL A 160 5.31 21.09 -9.94
C VAL A 160 3.91 21.62 -9.62
N ALA A 161 2.89 20.78 -9.79
CA ALA A 161 1.51 21.16 -9.42
C ALA A 161 1.41 21.67 -7.99
N LEU A 162 2.21 21.11 -7.09
CA LEU A 162 2.19 21.49 -5.68
C LEU A 162 2.83 22.85 -5.52
N ALA A 163 4.01 23.02 -6.10
CA ALA A 163 4.70 24.32 -6.07
C ALA A 163 3.80 25.41 -6.63
N ALA A 164 3.04 25.09 -7.69
CA ALA A 164 2.10 26.07 -8.24
C ALA A 164 1.04 26.44 -7.21
N ALA A 165 0.38 25.44 -6.63
CA ALA A 165 -0.72 25.66 -5.69
C ALA A 165 -0.31 26.41 -4.39
N LEU A 166 0.94 26.24 -3.98
CA LEU A 166 1.43 26.83 -2.75
C LEU A 166 2.17 28.14 -2.98
N LYS A 167 2.27 28.56 -4.24
CA LYS A 167 3.08 29.71 -4.58
C LYS A 167 4.51 29.53 -4.10
N ALA A 168 5.11 28.39 -4.41
CA ALA A 168 6.50 28.13 -4.04
C ALA A 168 7.45 29.02 -4.84
N ASP A 169 8.57 29.37 -4.21
CA ASP A 169 9.55 30.24 -4.85
C ASP A 169 10.24 29.52 -5.98
N PHE A 170 10.53 28.25 -5.75
CA PHE A 170 11.01 27.39 -6.83
C PHE A 170 10.82 25.91 -6.51
N CYS A 171 11.14 25.06 -7.47
CA CYS A 171 10.92 23.63 -7.36
C CYS A 171 12.16 22.90 -7.87
N GLU A 172 12.69 22.00 -7.04
CA GLU A 172 13.92 21.29 -7.37
C GLU A 172 13.67 19.80 -7.58
N ILE A 173 14.14 19.27 -8.71
CA ILE A 173 14.02 17.84 -8.99
C ILE A 173 15.35 17.16 -8.81
N TYR A 174 15.45 16.29 -7.80
CA TYR A 174 16.69 15.61 -7.49
C TYR A 174 16.76 14.23 -8.12
N THR A 175 17.94 13.87 -8.61
CA THR A 175 18.11 12.66 -9.38
C THR A 175 19.58 12.25 -9.42
N ASP A 176 19.86 11.10 -10.02
CA ASP A 176 21.24 10.62 -10.17
C ASP A 176 21.88 11.13 -11.45
N VAL A 177 21.87 12.45 -11.61
CA VAL A 177 22.38 13.11 -12.80
C VAL A 177 22.56 14.59 -12.46
N PRO A 178 23.67 15.18 -12.89
CA PRO A 178 24.07 16.56 -12.56
C PRO A 178 23.13 17.60 -13.17
N GLY A 179 22.41 17.22 -14.22
CA GLY A 179 21.49 18.11 -14.90
C GLY A 179 21.28 17.71 -16.34
N ILE A 180 21.04 18.69 -17.20
CA ILE A 180 20.82 18.44 -18.62
C ILE A 180 22.09 18.73 -19.42
N LEU A 181 22.49 17.78 -20.26
CA LEU A 181 23.66 17.97 -21.12
C LEU A 181 23.27 18.54 -22.49
N THR A 182 24.25 19.09 -23.20
CA THR A 182 24.04 19.67 -24.53
C THR A 182 23.71 18.59 -25.57
N THR A 183 24.14 17.37 -25.30
CA THR A 183 23.78 16.25 -26.14
C THR A 183 24.10 14.92 -25.47
N ASP A 184 23.94 13.83 -26.21
CA ASP A 184 24.18 12.50 -25.70
C ASP A 184 25.67 12.21 -25.60
N PRO A 185 26.19 12.14 -24.36
CA PRO A 185 27.62 11.96 -24.06
C PRO A 185 28.16 10.71 -24.73
N ARG A 186 27.31 9.70 -24.83
CA ARG A 186 27.69 8.45 -25.47
C ARG A 186 28.16 8.63 -26.92
N LEU A 187 27.72 9.70 -27.57
CA LEU A 187 28.15 9.96 -28.95
C LEU A 187 29.08 11.16 -29.03
N VAL A 188 28.95 12.08 -28.09
CA VAL A 188 29.78 13.28 -28.07
C VAL A 188 30.29 13.58 -26.67
N PRO A 189 31.44 12.98 -26.31
CA PRO A 189 32.02 13.08 -24.96
C PRO A 189 32.20 14.53 -24.49
N GLU A 190 32.37 15.46 -25.42
CA GLU A 190 32.58 16.86 -25.07
C GLU A 190 31.28 17.56 -24.68
N ALA A 191 30.20 16.78 -24.59
CA ALA A 191 28.91 17.29 -24.12
C ALA A 191 29.09 18.01 -22.79
N GLN A 192 28.58 19.23 -22.72
CA GLN A 192 28.74 20.09 -21.57
C GLN A 192 27.45 20.14 -20.75
N LEU A 193 27.58 20.40 -19.43
CA LEU A 193 26.42 20.50 -18.56
C LEU A 193 25.79 21.87 -18.69
N MET A 194 24.49 21.90 -19.01
CA MET A 194 23.80 23.17 -19.17
C MET A 194 23.60 23.82 -17.82
N ALA A 195 23.86 25.12 -17.77
CA ALA A 195 23.51 25.87 -16.56
C ALA A 195 22.02 26.21 -16.61
N GLU A 196 21.58 26.71 -17.75
CA GLU A 196 20.21 27.15 -17.96
C GLU A 196 19.63 26.54 -19.22
N ILE A 197 18.34 26.26 -19.18
CA ILE A 197 17.61 25.87 -20.38
C ILE A 197 16.18 26.37 -20.22
N THR A 198 15.55 26.79 -21.32
CA THR A 198 14.15 27.24 -21.24
C THR A 198 13.20 26.04 -21.24
N CYS A 199 12.03 26.24 -20.63
CA CYS A 199 10.99 25.23 -20.67
C CYS A 199 10.79 24.78 -22.11
N ASP A 200 10.59 25.75 -22.99
CA ASP A 200 10.29 25.43 -24.38
C ASP A 200 11.43 24.63 -25.02
N GLU A 201 12.66 25.02 -24.72
CA GLU A 201 13.82 24.30 -25.22
C GLU A 201 13.83 22.90 -24.64
N MET A 202 13.51 22.80 -23.35
CA MET A 202 13.53 21.52 -22.66
C MET A 202 12.51 20.59 -23.27
N LEU A 203 11.37 21.16 -23.65
CA LEU A 203 10.32 20.41 -24.31
C LEU A 203 10.76 19.92 -25.70
N GLU A 204 11.35 20.81 -26.49
CA GLU A 204 11.79 20.40 -27.82
C GLU A 204 12.97 19.42 -27.74
N LEU A 205 13.70 19.45 -26.63
CA LEU A 205 14.81 18.54 -26.41
C LEU A 205 14.45 17.47 -25.39
N ALA A 206 13.17 17.12 -25.35
CA ALA A 206 12.67 16.09 -24.43
C ALA A 206 13.60 14.91 -24.24
N SER A 207 14.17 14.43 -25.33
CA SER A 207 15.06 13.27 -25.28
C SER A 207 16.28 13.50 -24.39
N LEU A 208 16.78 14.74 -24.35
CA LEU A 208 17.90 15.06 -23.47
C LEU A 208 17.54 14.95 -21.98
N GLY A 209 16.24 14.85 -21.69
CA GLY A 209 15.81 14.66 -20.32
C GLY A 209 15.08 13.34 -20.14
N ALA A 210 15.19 12.48 -21.14
CA ALA A 210 14.48 11.21 -21.20
C ALA A 210 14.18 10.58 -19.83
N LYS A 211 15.22 10.17 -19.14
CA LYS A 211 15.06 9.38 -17.93
C LYS A 211 15.29 10.22 -16.68
N VAL A 212 15.20 11.54 -16.83
CA VAL A 212 15.46 12.45 -15.71
C VAL A 212 14.25 13.32 -15.34
N LEU A 213 13.52 13.83 -16.34
CA LEU A 213 12.23 14.46 -16.05
C LEU A 213 11.16 14.43 -17.15
N HIS A 214 9.92 14.61 -16.70
CA HIS A 214 8.76 14.41 -17.52
CA HIS A 214 8.68 14.42 -17.45
C HIS A 214 8.27 15.71 -18.17
N PRO A 215 8.20 15.70 -19.51
CA PRO A 215 7.79 16.88 -20.28
C PRO A 215 6.54 17.58 -19.74
N ARG A 216 5.54 16.82 -19.29
CA ARG A 216 4.29 17.39 -18.80
C ARG A 216 4.54 18.34 -17.63
N ALA A 217 5.55 18.03 -16.84
CA ALA A 217 5.88 18.81 -15.66
C ALA A 217 6.62 20.11 -16.00
N VAL A 218 7.55 20.05 -16.94
CA VAL A 218 8.21 21.27 -17.38
C VAL A 218 7.19 22.21 -18.04
N GLU A 219 6.19 21.64 -18.70
CA GLU A 219 5.13 22.43 -19.33
C GLU A 219 4.19 23.06 -18.30
N ILE A 220 3.95 22.37 -17.19
CA ILE A 220 3.14 22.95 -16.12
C ILE A 220 3.92 24.10 -15.49
N ALA A 221 5.21 23.88 -15.23
CA ALA A 221 6.08 24.93 -14.69
C ALA A 221 6.09 26.17 -15.57
N ARG A 222 6.26 25.99 -16.88
CA ARG A 222 6.24 27.12 -17.79
C ARG A 222 4.93 27.88 -17.64
N ASN A 223 3.82 27.16 -17.61
CA ASN A 223 2.52 27.80 -17.59
C ASN A 223 2.17 28.54 -16.29
N TYR A 224 2.79 28.16 -15.18
CA TYR A 224 2.55 28.83 -13.90
C TYR A 224 3.78 29.57 -13.39
N GLY A 225 4.77 29.72 -14.26
CA GLY A 225 5.94 30.51 -13.94
C GLY A 225 6.71 29.95 -12.77
N ILE A 226 6.80 28.63 -12.69
CA ILE A 226 7.52 28.01 -11.59
C ILE A 226 8.97 27.71 -11.97
N PRO A 227 9.91 28.37 -11.30
CA PRO A 227 11.33 28.07 -11.54
C PRO A 227 11.61 26.61 -11.21
N LEU A 228 12.39 25.95 -12.05
CA LEU A 228 12.73 24.55 -11.88
C LEU A 228 14.23 24.34 -11.85
N VAL A 229 14.67 23.28 -11.20
CA VAL A 229 16.08 22.95 -11.11
C VAL A 229 16.29 21.44 -11.11
N VAL A 230 17.05 20.96 -12.09
CA VAL A 230 17.47 19.57 -12.14
C VAL A 230 18.85 19.47 -11.52
N ARG A 231 18.93 18.78 -10.39
CA ARG A 231 20.17 18.66 -9.64
CA ARG A 231 20.19 18.66 -9.65
C ARG A 231 20.46 17.19 -9.34
N SER A 232 21.61 16.93 -8.71
CA SER A 232 21.96 15.58 -8.31
C SER A 232 22.01 15.48 -6.79
N SER A 233 21.65 14.31 -6.27
CA SER A 233 21.61 14.05 -4.83
C SER A 233 23.00 13.78 -4.24
N TRP A 234 23.87 13.19 -5.05
CA TRP A 234 25.22 12.82 -4.60
C TRP A 234 26.19 13.98 -4.78
N SER A 235 25.66 15.19 -4.79
CA SER A 235 26.44 16.37 -5.10
C SER A 235 25.79 17.61 -4.47
N ASP A 236 26.55 18.69 -4.38
CA ASP A 236 25.96 19.97 -4.00
C ASP A 236 26.15 21.00 -5.11
N GLU A 237 26.37 20.51 -6.33
CA GLU A 237 26.52 21.41 -7.48
C GLU A 237 25.18 21.99 -7.94
N PRO A 238 25.22 23.20 -8.52
CA PRO A 238 24.05 24.02 -8.87
C PRO A 238 23.01 23.29 -9.74
N GLY A 239 23.46 22.39 -10.61
CA GLY A 239 22.55 21.66 -11.46
C GLY A 239 22.09 22.50 -12.63
N THR A 240 21.01 22.07 -13.28
CA THR A 240 20.50 22.78 -14.44
C THR A 240 19.16 23.46 -14.15
N LYS A 241 19.14 24.78 -14.33
CA LYS A 241 17.98 25.59 -14.08
C LYS A 241 17.04 25.60 -15.30
N VAL A 242 15.80 25.20 -15.09
CA VAL A 242 14.82 25.22 -16.16
C VAL A 242 13.95 26.48 -16.04
N VAL A 243 14.13 27.38 -16.97
CA VAL A 243 13.69 28.76 -16.84
C VAL A 243 12.37 29.04 -17.57
N ALA A 244 11.51 29.83 -16.94
CA ALA A 244 10.17 30.07 -17.46
C ALA A 244 9.92 31.56 -17.66
N PRO A 245 8.86 31.93 -18.38
CA PRO A 245 8.51 33.35 -18.40
C PRO A 245 7.94 33.72 -17.04
N PRO A 246 8.22 34.94 -16.55
CA PRO A 246 7.65 35.35 -15.27
C PRO A 246 6.14 35.48 -15.39
N VAL A 247 5.41 34.62 -14.70
CA VAL A 247 3.95 34.63 -14.76
C VAL A 247 3.38 34.96 -13.39
N GLN A 248 2.67 36.08 -13.30
CA GLN A 248 2.23 36.60 -12.02
C GLN A 248 0.72 36.59 -11.93
N ASN A 249 0.22 36.40 -10.71
CA ASN A 249 -1.20 36.48 -10.37
C ASN A 249 -2.13 35.48 -11.06
N ARG A 250 -1.56 34.39 -11.58
CA ARG A 250 -2.41 33.28 -11.99
C ARG A 250 -2.45 32.31 -10.82
N SER A 251 -3.66 31.95 -10.40
CA SER A 251 -3.85 31.02 -9.30
C SER A 251 -4.09 29.61 -9.83
N LEU A 252 -3.38 28.64 -9.26
CA LEU A 252 -3.62 27.25 -9.64
C LEU A 252 -4.97 26.81 -9.10
N VAL A 253 -6.01 27.23 -9.81
CA VAL A 253 -7.34 26.67 -9.61
C VAL A 253 -7.19 25.16 -9.59
N GLY A 254 -7.31 24.55 -10.76
CA GLY A 254 -7.14 23.12 -10.89
C GLY A 254 -6.07 22.80 -11.91
N LEU A 255 -6.27 21.75 -12.69
CA LEU A 255 -5.23 21.27 -13.57
C LEU A 255 -5.58 19.96 -14.26
N GLU A 256 -5.76 20.02 -15.57
CA GLU A 256 -5.89 18.82 -16.36
C GLU A 256 -4.49 18.22 -16.53
N ILE A 257 -4.32 16.97 -16.12
CA ILE A 257 -2.99 16.35 -16.05
C ILE A 257 -2.72 15.31 -17.13
N ALA A 258 -3.70 15.09 -18.01
CA ALA A 258 -3.55 14.12 -19.08
C ALA A 258 -3.93 14.69 -20.46
N LYS A 259 -3.88 16.01 -20.60
CA LYS A 259 -4.24 16.66 -21.86
C LYS A 259 -3.18 16.35 -22.92
N ALA A 260 -3.60 15.87 -24.08
CA ALA A 260 -2.65 15.63 -25.17
C ALA A 260 -2.13 16.97 -25.67
N VAL A 261 -3.03 17.95 -25.72
CA VAL A 261 -2.72 19.23 -26.32
C VAL A 261 -2.89 20.36 -25.32
N ASP A 262 -1.82 21.12 -25.14
CA ASP A 262 -1.82 22.29 -24.29
C ASP A 262 -2.38 23.55 -24.94
N GLY A 263 -2.17 23.70 -26.26
CA GLY A 263 -2.57 24.92 -26.92
C GLY A 263 -2.73 24.87 -28.41
N VAL A 264 -3.46 25.85 -28.95
CA VAL A 264 -3.64 26.03 -30.38
C VAL A 264 -2.92 27.32 -30.78
N GLU A 265 -2.28 27.31 -31.95
CA GLU A 265 -1.56 28.49 -32.43
C GLU A 265 -1.94 28.90 -33.85
N TYR A 266 -1.91 30.21 -34.12
CA TYR A 266 -2.29 30.73 -35.42
C TYR A 266 -1.44 31.93 -35.78
N ASP A 267 -0.85 31.92 -36.98
CA ASP A 267 0.03 33.00 -37.44
C ASP A 267 -0.28 33.34 -38.90
N ALA A 268 -0.85 34.52 -39.09
CA ALA A 268 -1.28 34.92 -40.43
C ALA A 268 -0.17 35.64 -41.22
N ASP A 269 0.87 36.07 -40.51
CA ASP A 269 1.96 36.79 -41.13
C ASP A 269 2.95 35.78 -41.71
N GLN A 270 2.53 35.15 -42.80
CA GLN A 270 3.28 34.06 -43.41
C GLN A 270 3.16 34.14 -44.93
N ALA A 271 4.24 33.79 -45.63
CA ALA A 271 4.25 33.69 -47.09
C ALA A 271 5.28 32.64 -47.51
N LYS A 272 4.92 31.83 -48.49
CA LYS A 272 5.76 30.74 -48.93
C LYS A 272 6.65 31.07 -50.14
N VAL A 273 7.92 30.72 -50.01
CA VAL A 273 8.79 30.58 -51.16
C VAL A 273 9.19 29.12 -51.29
N ALA A 274 9.05 28.54 -52.48
CA ALA A 274 9.54 27.19 -52.71
C ALA A 274 10.46 27.14 -53.92
N LEU A 275 11.57 26.43 -53.77
CA LEU A 275 12.43 26.04 -54.88
C LEU A 275 12.10 24.62 -55.30
N LEU A 276 11.57 24.47 -56.51
CA LEU A 276 11.15 23.16 -57.01
C LEU A 276 12.24 22.45 -57.83
N ARG A 277 12.26 21.14 -57.72
CA ARG A 277 13.09 20.29 -58.58
C ARG A 277 14.56 20.69 -58.58
N VAL A 278 15.11 20.87 -57.40
CA VAL A 278 16.51 21.19 -57.23
C VAL A 278 17.24 19.83 -57.14
N PRO A 279 18.57 19.82 -57.39
CA PRO A 279 19.30 18.54 -57.34
C PRO A 279 19.35 17.95 -55.92
N ASP A 280 19.16 16.65 -55.80
CA ASP A 280 19.21 15.99 -54.49
C ASP A 280 20.60 15.50 -54.13
N ARG A 281 21.45 16.43 -53.74
CA ARG A 281 22.83 16.11 -53.37
C ARG A 281 23.29 17.04 -52.26
N PRO A 282 24.33 16.64 -51.52
CA PRO A 282 24.87 17.52 -50.47
C PRO A 282 25.23 18.91 -51.01
N GLY A 283 24.95 19.93 -50.22
CA GLY A 283 25.35 21.29 -50.54
C GLY A 283 24.24 22.20 -51.02
N VAL A 284 23.17 21.61 -51.54
CA VAL A 284 22.09 22.40 -52.10
C VAL A 284 21.40 23.27 -51.05
N ALA A 285 20.85 22.64 -50.00
CA ALA A 285 20.15 23.43 -48.97
C ALA A 285 21.11 24.41 -48.35
N SER A 286 22.33 23.95 -48.07
CA SER A 286 23.37 24.81 -47.54
C SER A 286 23.47 26.14 -48.31
N LYS A 287 23.63 26.06 -49.63
CA LYS A 287 23.79 27.26 -50.45
C LYS A 287 22.57 28.17 -50.45
N LEU A 288 21.39 27.58 -50.66
CA LEU A 288 20.15 28.33 -50.60
C LEU A 288 20.08 29.24 -49.37
N PHE A 289 20.16 28.65 -48.19
CA PHE A 289 19.86 29.39 -46.99
C PHE A 289 21.04 30.27 -46.57
N ARG A 290 22.24 29.87 -46.95
CA ARG A 290 23.39 30.72 -46.72
C ARG A 290 23.18 32.07 -47.41
N ASP A 291 22.88 32.04 -48.71
CA ASP A 291 22.69 33.28 -49.46
C ASP A 291 21.51 34.08 -48.93
N ILE A 292 20.39 33.42 -48.67
CA ILE A 292 19.24 34.12 -48.07
C ILE A 292 19.61 34.84 -46.78
N ALA A 293 20.45 34.21 -45.96
CA ALA A 293 20.81 34.80 -44.68
C ALA A 293 21.72 36.00 -44.86
N GLN A 294 22.51 35.99 -45.93
CA GLN A 294 23.36 37.13 -46.26
C GLN A 294 22.55 38.40 -46.51
N GLN A 295 21.30 38.25 -46.95
CA GLN A 295 20.37 39.36 -47.00
C GLN A 295 19.74 39.70 -45.63
N GLN A 296 20.15 38.99 -44.59
CA GLN A 296 19.59 39.16 -43.25
C GLN A 296 18.09 38.86 -43.24
N VAL A 297 17.70 37.82 -43.96
CA VAL A 297 16.30 37.38 -44.04
C VAL A 297 16.04 36.27 -43.03
N ASP A 298 15.27 36.56 -41.99
CA ASP A 298 14.91 35.54 -41.03
C ASP A 298 13.85 34.60 -41.59
N ILE A 299 14.03 33.30 -41.31
CA ILE A 299 13.10 32.29 -41.80
C ILE A 299 12.30 31.59 -40.67
N ASP A 300 11.05 31.26 -40.93
CA ASP A 300 10.23 30.45 -40.02
C ASP A 300 10.21 28.97 -40.40
N LEU A 301 9.20 28.55 -41.15
CA LEU A 301 9.08 27.16 -41.59
C LEU A 301 10.14 26.77 -42.64
N ILE A 302 10.75 25.60 -42.45
CA ILE A 302 11.49 24.96 -43.52
C ILE A 302 10.98 23.53 -43.66
N ILE A 303 10.43 23.23 -44.84
CA ILE A 303 9.84 21.93 -45.10
C ILE A 303 10.45 21.26 -46.34
N GLN A 304 11.03 20.09 -46.13
CA GLN A 304 11.49 19.29 -47.25
C GLN A 304 11.11 17.83 -47.06
N SER A 305 10.14 17.38 -47.86
CA SER A 305 9.67 16.00 -47.77
C SER A 305 10.60 15.07 -48.56
N ILE A 306 10.09 13.90 -48.91
CA ILE A 306 10.88 12.88 -49.60
C ILE A 306 11.26 13.29 -51.04
N HIS A 307 12.41 12.82 -51.49
CA HIS A 307 12.89 13.09 -52.85
C HIS A 307 11.90 12.63 -53.91
N ASP A 308 11.95 13.26 -55.06
CA ASP A 308 11.21 12.81 -56.22
C ASP A 308 12.24 12.56 -57.33
N GLY A 309 12.46 11.28 -57.65
CA GLY A 309 13.55 10.88 -58.53
C GLY A 309 14.89 11.35 -57.96
N ASN A 310 15.69 11.99 -58.80
CA ASN A 310 17.00 12.43 -58.35
C ASN A 310 17.01 13.87 -57.87
N SER A 311 15.86 14.37 -57.46
CA SER A 311 15.79 15.75 -57.00
C SER A 311 14.78 15.94 -55.85
N ASN A 312 14.69 17.15 -55.34
CA ASN A 312 13.72 17.45 -54.28
C ASN A 312 13.23 18.90 -54.38
N ASP A 313 12.20 19.23 -53.60
CA ASP A 313 11.79 20.63 -53.44
C ASP A 313 12.26 21.13 -52.07
N ILE A 314 12.42 22.44 -51.95
CA ILE A 314 12.68 23.06 -50.66
C ILE A 314 11.69 24.22 -50.45
N ALA A 315 10.95 24.17 -49.34
CA ALA A 315 9.97 25.21 -49.07
C ALA A 315 10.30 25.88 -47.76
N PHE A 316 10.06 27.18 -47.70
CA PHE A 316 10.21 27.92 -46.46
C PHE A 316 9.19 29.04 -46.38
N THR A 317 8.96 29.57 -45.18
CA THR A 317 8.08 30.72 -45.05
C THR A 317 8.82 31.87 -44.43
N VAL A 318 8.19 33.02 -44.60
CA VAL A 318 8.81 34.28 -44.30
C VAL A 318 7.64 35.20 -43.97
N VAL A 319 7.92 36.28 -43.25
CA VAL A 319 6.90 37.29 -42.97
C VAL A 319 6.43 37.92 -44.30
N LYS A 320 5.13 38.20 -44.40
CA LYS A 320 4.52 38.71 -45.63
C LYS A 320 5.31 39.83 -46.35
N ASP A 321 5.81 40.77 -45.57
CA ASP A 321 6.51 41.95 -46.08
CA ASP A 321 6.48 41.94 -46.12
C ASP A 321 7.88 41.62 -46.63
N LEU A 322 8.37 40.44 -46.29
CA LEU A 322 9.67 39.98 -46.74
C LEU A 322 9.60 39.05 -47.95
N LEU A 323 8.39 38.65 -48.33
CA LEU A 323 8.21 37.71 -49.43
C LEU A 323 8.89 38.17 -50.73
N ASN A 324 8.66 39.43 -51.10
CA ASN A 324 9.28 39.98 -52.30
C ASN A 324 10.81 39.90 -52.24
N THR A 325 11.40 40.38 -51.15
CA THR A 325 12.84 40.26 -50.98
C THR A 325 13.24 38.81 -51.12
N ALA A 326 12.54 37.95 -50.38
CA ALA A 326 12.89 36.54 -50.31
C ALA A 326 12.82 35.83 -51.68
N GLU A 327 11.82 36.20 -52.47
CA GLU A 327 11.64 35.62 -53.80
C GLU A 327 12.78 36.04 -54.73
N ALA A 328 13.11 37.32 -54.71
CA ALA A 328 14.15 37.84 -55.57
C ALA A 328 15.50 37.16 -55.31
N VAL A 329 15.89 37.08 -54.04
CA VAL A 329 17.15 36.45 -53.66
C VAL A 329 17.18 34.98 -54.08
N THR A 330 16.09 34.28 -53.81
CA THR A 330 15.95 32.90 -54.21
C THR A 330 16.05 32.76 -55.73
N SER A 331 15.35 33.63 -56.46
CA SER A 331 15.40 33.62 -57.91
C SER A 331 16.81 33.78 -58.45
N ALA A 332 17.70 34.37 -57.65
CA ALA A 332 19.04 34.66 -58.10
C ALA A 332 20.05 33.53 -57.79
N ILE A 333 19.84 32.85 -56.67
CA ILE A 333 20.67 31.69 -56.33
C ILE A 333 20.36 30.52 -57.26
N ALA A 334 19.08 30.35 -57.57
CA ALA A 334 18.60 29.19 -58.33
C ALA A 334 19.46 28.74 -59.53
N PRO A 335 19.74 29.66 -60.47
CA PRO A 335 20.52 29.24 -61.65
C PRO A 335 21.82 28.54 -61.30
N ALA A 336 22.43 28.91 -60.18
CA ALA A 336 23.66 28.27 -59.72
C ALA A 336 23.46 26.82 -59.30
N LEU A 337 22.22 26.38 -59.14
CA LEU A 337 21.94 24.98 -58.77
C LEU A 337 21.62 24.12 -59.99
N ARG A 338 21.80 24.67 -61.19
CA ARG A 338 21.39 23.98 -62.42
C ARG A 338 22.56 23.36 -63.23
N SER A 339 22.19 22.57 -64.24
CA SER A 339 23.13 22.10 -65.24
C SER A 339 23.89 23.28 -65.81
N TYR A 340 23.21 24.05 -66.67
CA TYR A 340 23.69 25.38 -67.06
C TYR A 340 22.69 26.39 -66.50
N PRO A 341 23.15 27.62 -66.21
CA PRO A 341 22.27 28.62 -65.59
C PRO A 341 20.91 28.73 -66.29
N GLU A 342 20.88 28.62 -67.61
CA GLU A 342 19.63 28.73 -68.37
C GLU A 342 18.95 27.38 -68.66
N ALA A 343 19.38 26.32 -67.99
CA ALA A 343 18.73 25.02 -68.11
C ALA A 343 17.25 25.17 -67.81
N ASP A 344 16.41 24.37 -68.47
CA ASP A 344 15.00 24.29 -68.14
C ASP A 344 14.73 23.09 -67.24
N GLN A 345 13.54 23.02 -66.68
CA GLN A 345 13.13 21.92 -65.79
C GLN A 345 13.99 21.75 -64.53
N GLU A 346 14.60 22.83 -64.06
CA GLU A 346 15.49 22.76 -62.91
C GLU A 346 15.38 23.98 -62.02
N ALA A 347 15.27 23.76 -60.71
CA ALA A 347 15.33 24.84 -59.74
C ALA A 347 14.47 26.05 -60.14
N GLU A 348 13.15 25.88 -60.09
CA GLU A 348 12.19 26.90 -60.47
C GLU A 348 11.54 27.43 -59.19
N ILE A 349 11.25 28.73 -59.15
CA ILE A 349 10.76 29.34 -57.92
CA ILE A 349 10.75 29.34 -57.93
C ILE A 349 9.25 29.62 -57.99
N ILE A 350 8.54 29.32 -56.91
CA ILE A 350 7.13 29.69 -56.78
C ILE A 350 6.92 30.37 -55.45
N VAL A 351 5.78 31.02 -55.30
CA VAL A 351 5.55 31.93 -54.21
C VAL A 351 4.07 31.86 -53.89
N GLU A 352 3.70 31.93 -52.62
CA GLU A 352 2.29 31.80 -52.25
C GLU A 352 1.97 32.74 -51.09
N LYS A 353 1.11 33.72 -51.32
CA LYS A 353 0.94 34.81 -50.36
C LYS A 353 -0.19 34.60 -49.36
N GLY A 354 -1.21 33.81 -49.72
CA GLY A 354 -2.43 33.81 -48.92
C GLY A 354 -2.59 32.63 -48.00
N ILE A 355 -1.57 32.40 -47.20
CA ILE A 355 -1.53 31.24 -46.32
C ILE A 355 -1.55 31.67 -44.84
N ALA A 356 -1.86 30.71 -43.98
CA ALA A 356 -1.71 30.88 -42.55
C ALA A 356 -1.05 29.63 -42.02
N LYS A 357 -0.36 29.78 -40.89
CA LYS A 357 0.15 28.62 -40.18
C LYS A 357 -0.68 28.37 -38.93
N ILE A 358 -1.18 27.14 -38.79
CA ILE A 358 -1.84 26.75 -37.55
C ILE A 358 -1.11 25.59 -36.93
N ALA A 359 -1.20 25.46 -35.61
CA ALA A 359 -0.54 24.36 -34.92
C ALA A 359 -1.29 23.92 -33.69
N ILE A 360 -1.07 22.67 -33.32
CA ILE A 360 -1.42 22.21 -31.98
C ILE A 360 -0.10 21.96 -31.28
N ALA A 361 -0.04 22.29 -30.01
CA ALA A 361 1.20 22.18 -29.27
C ALA A 361 0.91 21.49 -27.93
N GLY A 362 1.84 20.67 -27.47
CA GLY A 362 1.60 19.94 -26.24
C GLY A 362 2.58 18.83 -25.93
N ALA A 363 3.10 18.85 -24.70
CA ALA A 363 3.98 17.81 -24.21
C ALA A 363 3.33 16.41 -24.26
N GLY A 364 2.03 16.39 -24.05
CA GLY A 364 1.28 15.15 -23.97
C GLY A 364 1.17 14.37 -25.26
N MET A 365 1.79 14.86 -26.32
CA MET A 365 1.69 14.21 -27.63
C MET A 365 2.92 13.35 -27.86
N ILE A 366 3.99 13.64 -27.12
CA ILE A 366 5.20 12.82 -27.17
C ILE A 366 4.91 11.34 -26.91
N GLY A 367 5.15 10.50 -27.92
CA GLY A 367 4.99 9.07 -27.75
C GLY A 367 3.56 8.58 -27.78
N ARG A 368 2.62 9.52 -27.89
CA ARG A 368 1.21 9.17 -27.84
C ARG A 368 0.55 9.15 -29.22
N PRO A 369 -0.21 8.12 -29.53
CA PRO A 369 -0.84 7.96 -30.84
C PRO A 369 -2.10 8.78 -31.00
N GLY A 370 -2.49 9.03 -32.24
CA GLY A 370 -3.79 9.61 -32.57
C GLY A 370 -3.92 11.12 -32.45
N ILE A 371 -2.87 11.78 -32.00
CA ILE A 371 -2.94 13.21 -31.80
C ILE A 371 -2.91 13.98 -33.14
N ALA A 372 -1.89 13.70 -33.95
CA ALA A 372 -1.80 14.28 -35.28
C ALA A 372 -3.05 13.95 -36.08
N ALA A 373 -3.49 12.69 -35.95
CA ALA A 373 -4.64 12.20 -36.68
C ALA A 373 -5.90 12.98 -36.34
N LYS A 374 -6.05 13.28 -35.05
CA LYS A 374 -7.21 14.03 -34.61
C LYS A 374 -7.17 15.49 -35.10
N MET A 375 -5.98 16.07 -35.15
CA MET A 375 -5.83 17.38 -35.77
C MET A 375 -6.35 17.35 -37.21
N PHE A 376 -5.82 16.43 -38.01
CA PHE A 376 -6.21 16.29 -39.42
C PHE A 376 -7.70 16.02 -39.62
N LYS A 377 -8.29 15.19 -38.77
CA LYS A 377 -9.72 14.91 -38.85
C LYS A 377 -10.55 16.16 -38.54
N THR A 378 -10.17 16.89 -37.50
CA THR A 378 -10.86 18.12 -37.13
C THR A 378 -10.92 19.11 -38.28
N LEU A 379 -9.78 19.34 -38.93
CA LEU A 379 -9.73 20.20 -40.11
C LEU A 379 -10.54 19.63 -41.28
N ALA A 380 -10.37 18.34 -41.53
CA ALA A 380 -11.15 17.69 -42.58
C ALA A 380 -12.65 17.81 -42.34
N ASP A 381 -13.07 17.62 -41.09
CA ASP A 381 -14.50 17.64 -40.79
C ASP A 381 -15.07 19.02 -41.01
N VAL A 382 -14.22 20.04 -40.97
CA VAL A 382 -14.69 21.40 -41.16
C VAL A 382 -14.34 21.91 -42.58
N GLY A 383 -13.94 20.98 -43.43
CA GLY A 383 -13.71 21.25 -44.83
C GLY A 383 -12.41 21.95 -45.23
N VAL A 384 -11.43 22.05 -44.33
CA VAL A 384 -10.21 22.76 -44.71
C VAL A 384 -9.10 21.82 -45.15
N ASN A 385 -8.55 22.11 -46.33
CA ASN A 385 -7.49 21.30 -46.91
C ASN A 385 -6.14 21.64 -46.32
N ILE A 386 -5.34 20.61 -46.05
CA ILE A 386 -3.99 20.80 -45.53
C ILE A 386 -2.97 20.84 -46.68
N GLU A 387 -2.24 21.93 -46.78
CA GLU A 387 -1.30 22.13 -47.87
C GLU A 387 0.07 21.59 -47.51
N MET A 388 0.61 22.05 -46.39
CA MET A 388 1.88 21.57 -45.92
C MET A 388 1.82 21.11 -44.45
N ILE A 389 2.80 20.29 -44.05
CA ILE A 389 2.88 19.75 -42.71
C ILE A 389 4.30 19.66 -42.20
N SER A 390 4.50 20.06 -40.95
CA SER A 390 5.81 20.04 -40.31
C SER A 390 5.66 19.75 -38.81
N THR A 391 6.34 18.70 -38.36
CA THR A 391 6.37 18.37 -36.94
C THR A 391 7.67 18.73 -36.22
N SER A 392 7.53 19.11 -34.95
CA SER A 392 8.66 19.11 -34.02
C SER A 392 8.40 18.03 -32.97
N GLU A 393 9.02 18.14 -31.81
CA GLU A 393 8.74 17.18 -30.74
C GLU A 393 7.36 17.39 -30.13
N VAL A 394 6.95 18.65 -30.01
CA VAL A 394 5.77 19.02 -29.25
CA VAL A 394 5.76 18.99 -29.27
C VAL A 394 4.78 19.84 -30.08
N LYS A 395 5.06 19.99 -31.37
CA LYS A 395 4.14 20.70 -32.27
C LYS A 395 3.90 19.96 -33.55
N VAL A 396 2.65 19.93 -33.98
CA VAL A 396 2.39 19.68 -35.40
C VAL A 396 1.86 20.95 -36.08
N SER A 397 2.60 21.43 -37.09
CA SER A 397 2.23 22.64 -37.82
C SER A 397 1.66 22.30 -39.19
N CYS A 398 0.65 23.07 -39.59
CA CYS A 398 -0.01 22.90 -40.88
C CYS A 398 -0.07 24.25 -41.59
N VAL A 399 0.11 24.23 -42.91
CA VAL A 399 -0.08 25.46 -43.66
C VAL A 399 -1.42 25.32 -44.36
N ILE A 400 -2.23 26.36 -44.28
CA ILE A 400 -3.57 26.33 -44.87
C ILE A 400 -3.90 27.63 -45.63
N ASP A 401 -4.92 27.56 -46.47
CA ASP A 401 -5.42 28.77 -47.07
C ASP A 401 -5.87 29.74 -45.98
N GLN A 402 -5.32 30.95 -46.01
CA GLN A 402 -5.66 32.00 -45.05
CA GLN A 402 -5.66 32.00 -45.05
C GLN A 402 -7.17 32.13 -44.85
N ARG A 403 -7.95 31.93 -45.91
CA ARG A 403 -9.39 32.06 -45.78
C ARG A 403 -10.04 31.00 -44.87
N ASP A 404 -9.33 29.90 -44.63
CA ASP A 404 -9.87 28.77 -43.88
C ASP A 404 -9.55 28.94 -42.39
N ALA A 405 -8.72 29.92 -42.08
CA ALA A 405 -8.16 30.09 -40.74
C ALA A 405 -9.19 30.19 -39.60
N ASP A 406 -10.23 31.00 -39.79
CA ASP A 406 -11.24 31.18 -38.74
CA ASP A 406 -11.28 31.18 -38.78
C ASP A 406 -11.90 29.86 -38.36
N ARG A 407 -12.36 29.11 -39.36
CA ARG A 407 -13.10 27.87 -39.11
CA ARG A 407 -13.10 27.88 -39.08
C ARG A 407 -12.15 26.80 -38.59
N ALA A 408 -10.90 26.88 -39.01
CA ALA A 408 -9.90 25.90 -38.63
C ALA A 408 -9.51 26.03 -37.15
N ILE A 409 -9.27 27.28 -36.73
CA ILE A 409 -8.90 27.60 -35.34
C ILE A 409 -10.01 27.29 -34.38
N ALA A 410 -11.22 27.64 -34.76
CA ALA A 410 -12.37 27.41 -33.91
C ALA A 410 -12.53 25.92 -33.72
N ALA A 411 -12.36 25.17 -34.81
CA ALA A 411 -12.55 23.72 -34.77
C ALA A 411 -11.51 23.04 -33.90
N LEU A 412 -10.27 23.50 -33.97
CA LEU A 412 -9.20 22.91 -33.19
C LEU A 412 -9.34 23.29 -31.72
N SER A 413 -9.71 24.54 -31.51
CA SER A 413 -9.94 25.06 -30.16
C SER A 413 -10.99 24.20 -29.43
N ASN A 414 -12.11 23.94 -30.10
CA ASN A 414 -13.18 23.06 -29.57
C ASN A 414 -12.78 21.59 -29.40
N ALA A 415 -12.19 21.02 -30.43
CA ALA A 415 -11.87 19.59 -30.38
C ALA A 415 -10.86 19.24 -29.29
N PHE A 416 -9.92 20.13 -29.02
CA PHE A 416 -8.92 19.84 -28.01
C PHE A 416 -9.17 20.59 -26.69
N GLY A 417 -10.30 21.29 -26.59
CA GLY A 417 -10.65 22.02 -25.39
C GLY A 417 -9.61 23.01 -24.87
N VAL A 418 -8.93 23.70 -25.77
CA VAL A 418 -7.95 24.71 -25.36
C VAL A 418 -8.22 26.09 -26.01
N THR A 419 -7.55 27.14 -25.59
CA THR A 419 -7.85 28.44 -26.20
C THR A 419 -6.70 28.88 -27.11
N LEU A 420 -7.02 29.67 -28.13
CA LEU A 420 -5.96 30.20 -28.99
C LEU A 420 -4.90 30.86 -28.13
N SER A 421 -3.66 30.41 -28.26
CA SER A 421 -2.55 31.05 -27.57
C SER A 421 -2.33 32.43 -28.19
N PRO A 422 -1.75 33.35 -27.40
CA PRO A 422 -1.38 34.69 -27.86
C PRO A 422 -0.03 34.60 -28.54
N PRO A 423 0.25 35.49 -29.51
CA PRO A 423 1.59 35.56 -30.09
C PRO A 423 2.60 35.86 -28.99
N LYS A 424 3.86 35.44 -29.13
CA LYS A 424 4.83 35.73 -28.10
C LYS A 424 5.65 36.98 -28.44
N ASN A 425 6.23 37.61 -27.42
CA ASN A 425 6.90 38.91 -27.56
C ASN A 425 8.09 38.88 -28.51
N GLN A 426 9.24 39.32 -28.03
CA GLN A 426 10.47 39.26 -28.83
C GLN A 426 11.68 39.17 -27.92
N THR A 427 12.77 38.60 -28.42
CA THR A 427 13.96 38.35 -27.59
C THR A 427 15.27 38.66 -28.31
N ASP A 428 16.35 38.74 -27.52
CA ASP A 428 17.69 38.99 -28.06
C ASP A 428 17.79 40.37 -28.70
N LEU A 432 19.95 35.61 -25.99
CA LEU A 432 19.57 34.21 -26.12
C LEU A 432 20.34 33.52 -27.26
N PRO A 433 21.00 32.38 -26.98
CA PRO A 433 21.82 31.75 -28.01
C PRO A 433 20.98 31.13 -29.12
N ALA A 434 21.55 31.01 -30.32
CA ALA A 434 20.83 30.41 -31.45
C ALA A 434 20.49 28.94 -31.20
N VAL A 435 21.47 28.17 -30.74
CA VAL A 435 21.29 26.75 -30.46
C VAL A 435 21.67 26.42 -29.01
N ARG A 436 20.83 25.65 -28.33
CA ARG A 436 21.11 25.27 -26.94
C ARG A 436 21.62 23.83 -26.82
N GLY A 437 21.06 22.92 -27.62
CA GLY A 437 21.50 21.53 -27.61
C GLY A 437 21.12 20.83 -28.90
N VAL A 438 21.70 19.66 -29.13
CA VAL A 438 21.46 18.92 -30.36
C VAL A 438 21.21 17.46 -30.01
N ALA A 439 20.52 16.74 -30.89
CA ALA A 439 20.16 15.37 -30.58
C ALA A 439 20.03 14.50 -31.83
N LEU A 440 20.06 13.19 -31.61
CA LEU A 440 20.07 12.22 -32.67
C LEU A 440 19.10 11.08 -32.41
N ASP A 441 18.25 10.76 -33.37
CA ASP A 441 17.45 9.54 -33.24
C ASP A 441 17.70 8.59 -34.41
N GLN A 442 18.18 7.39 -34.09
CA GLN A 442 18.49 6.39 -35.11
C GLN A 442 17.68 5.09 -34.98
N ASP A 443 16.59 5.14 -34.24
CA ASP A 443 15.74 3.97 -34.04
C ASP A 443 14.49 4.04 -34.90
N GLN A 444 14.48 4.95 -35.85
CA GLN A 444 13.27 5.24 -36.61
C GLN A 444 13.33 4.72 -38.03
N ALA A 445 12.16 4.52 -38.63
CA ALA A 445 12.07 4.19 -40.04
C ALA A 445 11.26 5.24 -40.81
N GLN A 446 11.73 5.59 -41.99
CA GLN A 446 10.97 6.50 -42.84
C GLN A 446 9.96 5.73 -43.67
N ILE A 447 8.75 6.23 -43.71
CA ILE A 447 7.72 5.65 -44.57
C ILE A 447 7.03 6.76 -45.33
N ALA A 448 7.04 6.67 -46.64
CA ALA A 448 6.41 7.67 -47.46
C ALA A 448 5.28 7.09 -48.23
N ILE A 449 4.20 7.84 -48.31
CA ILE A 449 3.11 7.44 -49.15
C ILE A 449 2.99 8.41 -50.34
N ARG A 450 3.39 7.91 -51.51
CA ARG A 450 3.42 8.70 -52.74
C ARG A 450 2.01 9.00 -53.27
N HIS A 451 1.79 10.24 -53.68
CA HIS A 451 0.58 10.60 -54.43
C HIS A 451 -0.73 10.55 -53.66
N VAL A 452 -0.77 11.19 -52.51
CA VAL A 452 -2.02 11.30 -51.76
C VAL A 452 -2.84 12.39 -52.41
N PRO A 453 -4.09 12.07 -52.78
CA PRO A 453 -4.99 13.08 -53.34
C PRO A 453 -5.04 14.32 -52.47
N ASP A 454 -4.76 15.48 -53.05
CA ASP A 454 -4.70 16.72 -52.30
C ASP A 454 -6.11 17.29 -52.03
N ARG A 455 -6.87 16.59 -51.21
CA ARG A 455 -8.21 17.03 -50.82
CA ARG A 455 -8.21 17.00 -50.82
C ARG A 455 -8.42 16.69 -49.35
N PRO A 456 -9.36 17.42 -48.69
CA PRO A 456 -9.58 17.25 -47.25
C PRO A 456 -9.86 15.81 -46.83
N GLY A 457 -9.34 15.42 -45.67
CA GLY A 457 -9.61 14.12 -45.11
C GLY A 457 -8.64 12.99 -45.46
N MET A 458 -7.78 13.21 -46.45
CA MET A 458 -6.85 12.17 -46.86
C MET A 458 -5.82 11.85 -45.78
N ALA A 459 -5.10 12.86 -45.28
CA ALA A 459 -4.17 12.66 -44.17
C ALA A 459 -4.87 12.12 -42.92
N ALA A 460 -6.07 12.63 -42.66
CA ALA A 460 -6.88 12.15 -41.55
C ALA A 460 -7.06 10.65 -41.63
N GLN A 461 -7.47 10.16 -42.79
CA GLN A 461 -7.79 8.74 -42.92
C GLN A 461 -6.55 7.83 -42.85
N LEU A 462 -5.41 8.33 -43.30
CA LEU A 462 -4.19 7.54 -43.25
C LEU A 462 -3.65 7.47 -41.84
N PHE A 463 -3.65 8.61 -41.15
CA PHE A 463 -3.11 8.65 -39.80
C PHE A 463 -4.08 8.13 -38.75
N THR A 464 -5.38 8.22 -39.03
CA THR A 464 -6.36 7.61 -38.12
C THR A 464 -6.17 6.10 -38.09
N ALA A 465 -5.93 5.53 -39.26
CA ALA A 465 -5.72 4.10 -39.41
C ALA A 465 -4.54 3.60 -38.59
N LEU A 466 -3.42 4.28 -38.67
CA LEU A 466 -2.25 3.93 -37.89
C LEU A 466 -2.50 4.09 -36.39
N ALA A 467 -3.27 5.10 -36.02
CA ALA A 467 -3.49 5.40 -34.62
C ALA A 467 -4.45 4.40 -33.98
N GLU A 468 -5.36 3.86 -34.79
CA GLU A 468 -6.30 2.89 -34.27
C GLU A 468 -5.60 1.57 -33.97
N ALA A 469 -4.40 1.41 -34.51
CA ALA A 469 -3.56 0.25 -34.26
C ALA A 469 -2.51 0.56 -33.19
N ASN A 470 -2.65 1.69 -32.54
CA ASN A 470 -1.78 2.04 -31.43
C ASN A 470 -0.35 2.37 -31.85
N ILE A 471 -0.13 2.60 -33.13
CA ILE A 471 1.17 3.04 -33.58
C ILE A 471 1.31 4.56 -33.43
N SER A 472 2.30 4.98 -32.67
CA SER A 472 2.57 6.39 -32.47
C SER A 472 3.53 6.85 -33.56
N VAL A 473 3.29 8.05 -34.10
CA VAL A 473 4.12 8.58 -35.17
C VAL A 473 5.04 9.70 -34.64
N ASP A 474 6.27 9.71 -35.11
CA ASP A 474 7.28 10.65 -34.62
C ASP A 474 7.40 11.92 -35.47
N MET A 475 7.28 11.76 -36.79
CA MET A 475 7.43 12.89 -37.71
C MET A 475 6.46 12.76 -38.87
N ILE A 476 5.94 13.90 -39.30
CA ILE A 476 5.14 13.97 -40.52
C ILE A 476 5.57 15.19 -41.32
N ILE A 477 5.93 14.96 -42.58
CA ILE A 477 6.35 16.04 -43.47
C ILE A 477 5.61 15.99 -44.79
N GLN A 478 5.04 17.13 -45.17
CA GLN A 478 4.29 17.22 -46.40
C GLN A 478 4.56 18.58 -47.01
N SER A 479 4.94 18.60 -48.28
CA SER A 479 5.37 19.83 -48.92
C SER A 479 4.56 20.17 -50.18
N GLN A 480 5.20 20.13 -51.33
CA GLN A 480 4.55 20.60 -52.56
C GLN A 480 3.60 19.59 -53.20
N ARG A 481 2.78 20.07 -54.12
CA ARG A 481 2.08 19.16 -55.03
C ARG A 481 3.08 18.41 -55.92
N CYS A 482 2.79 17.13 -56.16
CA CYS A 482 3.61 16.29 -57.04
C CYS A 482 3.60 16.83 -58.48
N ARG A 483 4.75 16.83 -59.14
CA ARG A 483 4.75 17.14 -60.59
C ARG A 483 4.19 15.96 -61.41
N ILE A 484 3.03 16.20 -62.03
CA ILE A 484 2.33 15.22 -62.86
C ILE A 484 1.65 15.91 -64.05
N ASN A 485 1.65 15.26 -65.22
CA ASN A 485 1.08 15.84 -66.45
C ASN A 485 -0.36 16.25 -66.21
N GLN A 486 -1.30 15.36 -66.52
CA GLN A 486 -2.71 15.60 -66.26
C GLN A 486 -3.14 14.87 -65.00
N GLY A 487 -4.36 15.12 -64.56
CA GLY A 487 -4.90 14.36 -63.44
C GLY A 487 -5.19 15.16 -62.18
N THR A 488 -5.87 14.51 -61.24
CA THR A 488 -6.19 15.16 -59.99
C THR A 488 -4.95 15.35 -59.14
N PRO A 489 -4.79 16.57 -58.63
CA PRO A 489 -3.64 17.01 -57.82
C PRO A 489 -3.40 16.13 -56.61
N CYS A 490 -2.15 16.12 -56.13
CA CYS A 490 -1.75 15.24 -55.05
C CYS A 490 -0.38 15.65 -54.47
N ARG A 491 -0.08 15.18 -53.27
CA ARG A 491 1.18 15.46 -52.61
C ARG A 491 1.70 14.15 -52.02
N ASP A 492 3.00 14.04 -51.83
CA ASP A 492 3.60 12.93 -51.11
C ASP A 492 3.53 13.25 -49.63
N ILE A 493 3.36 12.21 -48.82
CA ILE A 493 3.39 12.37 -47.38
C ILE A 493 4.43 11.42 -46.83
N ALA A 494 5.44 11.96 -46.15
CA ALA A 494 6.42 11.15 -45.46
C ALA A 494 6.22 11.23 -43.93
N PHE A 495 6.49 10.14 -43.24
CA PHE A 495 6.38 10.15 -41.78
C PHE A 495 7.33 9.12 -41.21
N MET A 496 7.58 9.21 -39.90
CA MET A 496 8.51 8.27 -39.28
C MET A 496 7.88 7.56 -38.10
N VAL A 497 8.22 6.28 -37.96
CA VAL A 497 7.79 5.46 -36.85
C VAL A 497 8.95 4.59 -36.40
N ALA A 498 8.82 4.02 -35.19
CA ALA A 498 9.79 3.08 -34.68
C ALA A 498 9.90 1.90 -35.66
N GLU A 499 11.12 1.48 -35.96
CA GLU A 499 11.35 0.34 -36.85
C GLU A 499 10.49 -0.88 -36.51
N GLY A 500 10.22 -1.09 -35.23
CA GLY A 500 9.31 -2.13 -34.80
C GLY A 500 7.93 -2.04 -35.40
N ASP A 501 7.48 -0.82 -35.68
CA ASP A 501 6.14 -0.60 -36.21
C ASP A 501 6.13 -0.49 -37.74
N SER A 502 7.32 -0.45 -38.32
CA SER A 502 7.51 -0.36 -39.77
C SER A 502 6.55 -1.22 -40.58
N SER A 503 6.69 -2.53 -40.41
CA SER A 503 5.92 -3.50 -41.15
C SER A 503 4.42 -3.36 -40.96
N GLN A 504 3.97 -3.33 -39.70
CA GLN A 504 2.55 -3.19 -39.45
C GLN A 504 1.99 -1.90 -40.06
N ALA A 505 2.75 -0.83 -39.97
CA ALA A 505 2.34 0.43 -40.59
C ALA A 505 2.12 0.28 -42.10
N GLU A 506 3.11 -0.26 -42.79
CA GLU A 506 3.00 -0.49 -44.22
C GLU A 506 1.78 -1.35 -44.52
N ALA A 507 1.62 -2.40 -43.74
CA ALA A 507 0.53 -3.34 -43.89
C ALA A 507 -0.83 -2.70 -43.70
N ILE A 508 -0.91 -1.72 -42.81
CA ILE A 508 -2.18 -1.01 -42.57
C ILE A 508 -2.54 -0.08 -43.74
N LEU A 509 -1.54 0.61 -44.26
CA LEU A 509 -1.79 1.62 -45.29
C LEU A 509 -2.01 1.07 -46.71
N GLN A 510 -1.42 -0.09 -47.04
CA GLN A 510 -1.48 -0.60 -48.41
CA GLN A 510 -1.48 -0.61 -48.40
C GLN A 510 -2.91 -0.72 -48.94
N PRO A 511 -3.81 -1.32 -48.16
CA PRO A 511 -5.23 -1.38 -48.53
C PRO A 511 -5.84 0.00 -48.86
N LEU A 512 -5.48 1.02 -48.10
CA LEU A 512 -6.15 2.31 -48.18
C LEU A 512 -5.82 3.10 -49.44
N ILE A 513 -4.72 2.76 -50.09
CA ILE A 513 -4.32 3.47 -51.31
C ILE A 513 -4.64 2.68 -52.58
N LYS A 514 -5.25 1.50 -52.43
CA LYS A 514 -5.37 0.55 -53.54
C LYS A 514 -6.09 1.10 -54.79
N ASP A 515 -6.88 2.16 -54.61
CA ASP A 515 -7.46 2.87 -55.75
C ASP A 515 -7.18 4.37 -55.75
N TRP A 516 -5.95 4.73 -55.37
CA TRP A 516 -5.45 6.07 -55.63
C TRP A 516 -4.49 5.96 -56.82
N LEU A 517 -4.78 6.70 -57.89
CA LEU A 517 -3.91 6.66 -59.07
C LEU A 517 -2.43 6.86 -58.70
N ASP A 518 -1.59 5.88 -59.03
CA ASP A 518 -0.15 5.97 -58.81
C ASP A 518 0.29 6.12 -57.35
N ALA A 519 -0.60 5.86 -56.40
CA ALA A 519 -0.20 5.89 -55.01
C ALA A 519 0.76 4.75 -54.73
N ALA A 520 1.53 4.85 -53.66
CA ALA A 520 2.51 3.82 -53.35
C ALA A 520 3.04 4.01 -51.96
N ILE A 521 3.51 2.93 -51.34
CA ILE A 521 4.11 2.98 -50.03
C ILE A 521 5.53 2.47 -50.11
N VAL A 522 6.47 3.28 -49.62
CA VAL A 522 7.86 2.89 -49.63
C VAL A 522 8.49 3.16 -48.27
N VAL A 523 9.11 2.13 -47.70
CA VAL A 523 9.79 2.30 -46.42
C VAL A 523 11.30 2.26 -46.57
N ASN A 524 11.97 3.10 -45.78
CA ASN A 524 13.42 3.17 -45.74
C ASN A 524 13.85 3.17 -44.28
N LYS A 525 14.42 2.07 -43.83
CA LYS A 525 14.78 1.88 -42.44
C LYS A 525 16.08 2.56 -42.07
N ALA A 526 16.93 2.80 -43.07
CA ALA A 526 18.28 3.28 -42.80
C ALA A 526 18.38 4.79 -42.76
N ILE A 527 17.72 5.38 -41.79
CA ILE A 527 17.74 6.83 -41.60
C ILE A 527 18.07 7.20 -40.16
N ALA A 528 18.68 8.36 -39.98
CA ALA A 528 18.87 8.95 -38.68
C ALA A 528 18.26 10.34 -38.67
N LYS A 529 17.80 10.79 -37.52
CA LYS A 529 17.31 12.16 -37.38
C LYS A 529 18.23 13.00 -36.49
N VAL A 530 18.70 14.11 -37.03
CA VAL A 530 19.59 15.01 -36.30
C VAL A 530 18.82 16.29 -36.09
N SER A 531 18.78 16.76 -34.85
CA SER A 531 18.00 17.93 -34.50
C SER A 531 18.83 18.94 -33.72
N ILE A 532 18.61 20.21 -34.00
CA ILE A 532 19.15 21.27 -33.17
C ILE A 532 17.97 22.04 -32.57
N VAL A 533 18.12 22.48 -31.31
CA VAL A 533 17.05 23.20 -30.63
C VAL A 533 17.63 24.43 -29.95
N GLY A 534 16.89 25.52 -30.00
CA GLY A 534 17.35 26.77 -29.45
C GLY A 534 16.30 27.84 -29.59
N SER A 535 15.94 28.45 -28.47
CA SER A 535 14.99 29.57 -28.43
C SER A 535 15.55 30.80 -29.13
N GLY A 536 16.88 30.88 -29.19
CA GLY A 536 17.52 32.03 -29.81
C GLY A 536 17.43 32.07 -31.33
N MET A 537 16.95 31.01 -31.95
CA MET A 537 16.95 30.97 -33.42
C MET A 537 15.79 31.78 -34.01
N ILE A 538 14.86 32.19 -33.15
CA ILE A 538 13.74 33.02 -33.56
C ILE A 538 14.17 34.45 -33.89
N GLY A 539 13.84 34.91 -35.09
CA GLY A 539 14.26 36.22 -35.52
C GLY A 539 15.77 36.34 -35.61
N HIS A 540 16.42 35.26 -36.01
CA HIS A 540 17.88 35.19 -36.07
C HIS A 540 18.30 34.52 -37.39
N PRO A 541 18.57 35.31 -38.43
CA PRO A 541 18.88 34.70 -39.73
C PRO A 541 20.15 33.89 -39.72
N GLY A 542 20.20 32.85 -40.54
CA GLY A 542 21.40 32.05 -40.71
C GLY A 542 21.60 30.86 -39.78
N VAL A 543 20.65 30.59 -38.89
CA VAL A 543 20.79 29.42 -38.02
C VAL A 543 20.62 28.12 -38.81
N ALA A 544 19.51 28.01 -39.51
CA ALA A 544 19.33 26.84 -40.36
C ALA A 544 20.49 26.71 -41.36
N ALA A 545 20.95 27.84 -41.89
CA ALA A 545 22.00 27.80 -42.90
C ALA A 545 23.27 27.20 -42.31
N HIS A 546 23.61 27.61 -41.10
CA HIS A 546 24.80 27.09 -40.45
C HIS A 546 24.71 25.59 -40.22
N PHE A 547 23.53 25.13 -39.80
CA PHE A 547 23.26 23.72 -39.56
C PHE A 547 23.47 22.90 -40.86
N PHE A 548 22.81 23.31 -41.95
CA PHE A 548 22.93 22.62 -43.22
C PHE A 548 24.36 22.66 -43.79
N ALA A 549 25.05 23.77 -43.58
CA ALA A 549 26.41 23.89 -44.06
C ALA A 549 27.31 22.90 -43.32
N ALA A 550 27.00 22.68 -42.05
CA ALA A 550 27.77 21.78 -41.22
C ALA A 550 27.70 20.35 -41.75
N LEU A 551 26.52 19.95 -42.25
CA LEU A 551 26.34 18.61 -42.76
C LEU A 551 26.96 18.44 -44.15
N ALA A 552 26.89 19.49 -44.96
CA ALA A 552 27.44 19.44 -46.29
C ALA A 552 28.96 19.33 -46.26
N GLN A 553 29.58 20.06 -45.33
CA GLN A 553 31.05 20.07 -45.19
C GLN A 553 31.57 18.67 -44.87
N GLU A 554 30.69 17.84 -44.34
CA GLU A 554 31.00 16.46 -44.06
C GLU A 554 30.49 15.58 -45.18
N ASN A 555 30.07 16.20 -46.28
CA ASN A 555 29.47 15.50 -47.41
C ASN A 555 28.32 14.58 -46.96
N ILE A 556 27.38 15.16 -46.23
CA ILE A 556 26.24 14.42 -45.72
C ILE A 556 24.97 14.92 -46.42
N ASN A 557 24.25 14.01 -47.07
CA ASN A 557 23.08 14.42 -47.79
C ASN A 557 21.87 14.57 -46.88
N ILE A 558 21.08 15.61 -47.13
CA ILE A 558 19.90 15.85 -46.31
C ILE A 558 18.67 15.33 -47.02
N GLU A 559 18.06 14.28 -46.45
CA GLU A 559 16.94 13.62 -47.10
C GLU A 559 15.62 14.36 -46.88
N MET A 560 15.41 14.80 -45.64
CA MET A 560 14.20 15.54 -45.31
C MET A 560 14.52 16.61 -44.29
N ILE A 561 13.74 17.67 -44.28
CA ILE A 561 13.88 18.71 -43.27
C ILE A 561 12.51 19.04 -42.72
N ALA A 562 12.45 19.26 -41.40
CA ALA A 562 11.21 19.67 -40.72
C ALA A 562 11.50 20.61 -39.54
N THR A 563 10.56 21.49 -39.27
CA THR A 563 10.89 22.62 -38.43
C THR A 563 9.78 22.99 -37.42
N SER A 564 10.18 23.61 -36.32
CA SER A 564 9.27 24.48 -35.55
C SER A 564 10.01 25.79 -35.35
N GLU A 565 9.46 26.72 -34.58
CA GLU A 565 10.16 27.98 -34.38
C GLU A 565 11.53 27.82 -33.71
N ILE A 566 11.74 26.73 -32.97
CA ILE A 566 12.98 26.58 -32.20
C ILE A 566 13.66 25.23 -32.37
N LYS A 567 13.12 24.39 -33.26
CA LYS A 567 13.71 23.09 -33.55
C LYS A 567 13.84 22.89 -35.05
N ILE A 568 15.05 22.52 -35.49
CA ILE A 568 15.27 22.05 -36.85
C ILE A 568 15.71 20.59 -36.80
N SER A 569 15.01 19.74 -37.55
CA SER A 569 15.39 18.34 -37.74
C SER A 569 15.78 18.04 -39.21
N CYS A 570 16.87 17.34 -39.40
CA CYS A 570 17.24 16.82 -40.73
C CYS A 570 17.24 15.31 -40.69
N VAL A 571 16.54 14.69 -41.63
CA VAL A 571 16.67 13.25 -41.82
C VAL A 571 17.86 12.98 -42.70
N VAL A 572 18.55 11.90 -42.40
CA VAL A 572 19.91 11.71 -42.87
C VAL A 572 20.17 10.22 -42.95
N PRO A 573 21.18 9.80 -43.71
CA PRO A 573 21.45 8.36 -43.82
C PRO A 573 21.90 7.79 -42.47
N GLN A 574 21.35 6.65 -42.09
CA GLN A 574 21.64 6.04 -40.79
C GLN A 574 23.13 5.88 -40.49
N ASP A 575 23.90 5.43 -41.48
CA ASP A 575 25.32 5.21 -41.22
C ASP A 575 26.04 6.53 -41.12
N ARG A 576 25.28 7.60 -40.99
CA ARG A 576 25.86 8.92 -40.88
C ARG A 576 25.28 9.76 -39.75
N GLY A 577 24.32 9.20 -39.02
CA GLY A 577 23.71 9.88 -37.89
C GLY A 577 24.70 10.40 -36.88
N VAL A 578 25.60 9.54 -36.42
CA VAL A 578 26.59 9.94 -35.45
C VAL A 578 27.49 11.05 -35.98
N ASP A 579 27.96 10.88 -37.23
CA ASP A 579 28.81 11.90 -37.83
C ASP A 579 28.09 13.23 -37.88
N ALA A 580 26.80 13.17 -38.20
CA ALA A 580 26.00 14.37 -38.34
C ALA A 580 25.77 15.03 -36.98
N LEU A 581 25.64 14.21 -35.94
CA LEU A 581 25.45 14.74 -34.60
C LEU A 581 26.69 15.51 -34.15
N LYS A 582 27.86 14.94 -34.42
CA LYS A 582 29.11 15.54 -34.02
C LYS A 582 29.29 16.88 -34.74
N ALA A 583 28.97 16.90 -36.02
CA ALA A 583 29.05 18.11 -36.83
C ALA A 583 28.19 19.23 -36.27
N ALA A 584 26.93 18.90 -35.94
CA ALA A 584 26.02 19.88 -35.33
C ALA A 584 26.52 20.41 -33.98
N HIS A 585 27.06 19.52 -33.16
CA HIS A 585 27.55 19.92 -31.83
C HIS A 585 28.76 20.85 -31.95
N SER A 586 29.61 20.60 -32.94
CA SER A 586 30.77 21.44 -33.19
C SER A 586 30.40 22.74 -33.90
N ALA A 587 29.47 22.65 -34.85
CA ALA A 587 29.04 23.83 -35.58
C ALA A 587 28.57 24.93 -34.66
N PHE A 588 27.92 24.57 -33.56
CA PHE A 588 27.35 25.58 -32.67
C PHE A 588 28.13 25.77 -31.38
N ASN A 589 29.39 25.33 -31.37
CA ASN A 589 30.29 25.51 -30.24
C ASN A 589 29.70 25.06 -28.91
N LEU A 590 28.97 23.96 -28.94
CA LEU A 590 28.32 23.43 -27.74
C LEU A 590 29.28 22.78 -26.73
N ALA A 591 30.53 22.58 -27.13
CA ALA A 591 31.51 21.97 -26.24
C ALA A 591 31.93 22.91 -25.09
N GLY A 592 32.10 24.19 -25.42
CA GLY A 592 32.33 25.20 -24.42
C GLY A 592 33.40 26.18 -24.82
N THR A 593 33.67 26.22 -26.11
CA THR A 593 34.72 27.04 -26.71
C THR A 593 34.87 26.57 -28.14
N LYS A 594 36.00 26.90 -28.75
CA LYS A 594 36.32 26.34 -30.06
C LYS A 594 37.42 25.31 -29.87
N THR A 595 37.55 24.43 -30.85
CA THR A 595 38.53 23.37 -30.80
C THR A 595 39.50 23.40 -31.96
N VAL A 596 40.79 23.35 -31.64
CA VAL A 596 41.75 22.94 -32.64
C VAL A 596 42.46 21.71 -32.13
N THR A 597 42.37 20.64 -32.90
CA THR A 597 43.07 19.44 -32.57
C THR A 597 44.39 19.40 -33.35
N VAL A 598 45.49 19.33 -32.59
CA VAL A 598 46.80 19.55 -33.13
C VAL A 598 47.72 18.35 -32.84
N PRO A 599 48.91 18.34 -33.46
CA PRO A 599 49.75 17.17 -33.24
C PRO A 599 50.12 17.08 -31.77
N ALA A 600 49.93 15.91 -31.18
CA ALA A 600 50.38 15.64 -29.81
C ALA A 600 51.90 15.47 -29.78
N ALA B 2 -25.62 -17.41 2.47
CA ALA B 2 -25.43 -16.40 1.44
C ALA B 2 -24.29 -15.45 1.80
N LEU B 3 -24.57 -14.48 2.67
CA LEU B 3 -23.57 -13.47 3.06
C LEU B 3 -22.46 -14.03 3.95
N ILE B 4 -21.26 -14.16 3.37
CA ILE B 4 -20.13 -14.80 4.03
C ILE B 4 -18.93 -13.86 4.05
N VAL B 5 -18.34 -13.65 5.22
CA VAL B 5 -17.09 -12.89 5.31
C VAL B 5 -15.95 -13.90 5.38
N GLN B 6 -15.03 -13.83 4.43
CA GLN B 6 -13.85 -14.70 4.47
C GLN B 6 -12.58 -13.89 4.74
N LYS B 7 -11.64 -14.49 5.47
CA LYS B 7 -10.36 -13.84 5.73
C LYS B 7 -9.26 -14.82 5.38
N PHE B 8 -8.18 -14.29 4.83
CA PHE B 8 -7.04 -15.10 4.41
C PHE B 8 -5.77 -14.51 5.00
N GLY B 9 -5.01 -15.34 5.71
CA GLY B 9 -3.79 -14.90 6.34
C GLY B 9 -2.60 -14.82 5.39
N GLY B 10 -1.47 -14.36 5.92
CA GLY B 10 -0.28 -14.13 5.13
C GLY B 10 0.13 -15.28 4.26
N THR B 11 0.42 -16.42 4.87
CA THR B 11 0.91 -17.59 4.14
C THR B 11 -0.03 -17.99 3.00
N SER B 12 -1.33 -17.88 3.25
CA SER B 12 -2.34 -18.23 2.26
C SER B 12 -2.21 -17.35 1.02
N VAL B 13 -1.34 -16.35 1.11
CA VAL B 13 -1.25 -15.31 0.10
C VAL B 13 0.22 -14.94 -0.17
N GLY B 14 1.13 -15.80 0.28
CA GLY B 14 2.55 -15.52 0.21
C GLY B 14 3.13 -15.46 -1.20
N THR B 15 2.53 -16.19 -2.12
CA THR B 15 3.01 -16.24 -3.49
C THR B 15 1.90 -15.93 -4.48
N VAL B 16 2.28 -15.48 -5.67
CA VAL B 16 1.31 -15.13 -6.70
C VAL B 16 0.46 -16.33 -7.04
N GLU B 17 1.09 -17.49 -7.09
CA GLU B 17 0.39 -18.73 -7.39
C GLU B 17 -0.73 -18.97 -6.37
N ARG B 18 -0.41 -18.84 -5.08
CA ARG B 18 -1.39 -19.03 -4.03
C ARG B 18 -2.53 -18.04 -4.19
N ILE B 19 -2.17 -16.78 -4.44
CA ILE B 19 -3.17 -15.74 -4.63
C ILE B 19 -4.19 -16.14 -5.69
N GLN B 20 -3.72 -16.79 -6.74
CA GLN B 20 -4.59 -17.24 -7.81
C GLN B 20 -5.52 -18.34 -7.34
N ALA B 21 -5.02 -19.18 -6.45
CA ALA B 21 -5.82 -20.28 -5.90
C ALA B 21 -7.00 -19.78 -5.06
N VAL B 22 -6.74 -18.87 -4.12
CA VAL B 22 -7.82 -18.36 -3.28
C VAL B 22 -8.86 -17.70 -4.17
N ALA B 23 -8.37 -16.87 -5.09
CA ALA B 23 -9.23 -16.24 -6.09
C ALA B 23 -10.15 -17.29 -6.72
N GLN B 24 -9.60 -18.45 -7.00
CA GLN B 24 -10.39 -19.54 -7.57
C GLN B 24 -11.49 -19.93 -6.60
N ARG B 25 -11.12 -20.19 -5.34
CA ARG B 25 -12.10 -20.65 -4.36
C ARG B 25 -13.19 -19.60 -4.13
N ILE B 26 -12.78 -18.34 -4.05
CA ILE B 26 -13.75 -17.26 -3.89
C ILE B 26 -14.78 -17.33 -5.00
N LYS B 27 -14.31 -17.41 -6.24
CA LYS B 27 -15.20 -17.52 -7.38
C LYS B 27 -16.17 -18.70 -7.18
N ARG B 28 -15.63 -19.87 -6.87
CA ARG B 28 -16.45 -21.05 -6.66
C ARG B 28 -17.50 -20.78 -5.58
N THR B 29 -17.09 -20.07 -4.53
CA THR B 29 -17.97 -19.74 -3.42
C THR B 29 -19.12 -18.84 -3.88
N VAL B 30 -18.78 -17.83 -4.65
CA VAL B 30 -19.79 -16.92 -5.18
C VAL B 30 -20.79 -17.69 -6.02
N GLN B 31 -20.28 -18.52 -6.92
CA GLN B 31 -21.10 -19.35 -7.81
C GLN B 31 -21.92 -20.37 -7.02
N GLY B 32 -21.70 -20.43 -5.72
CA GLY B 32 -22.52 -21.25 -4.84
C GLY B 32 -23.82 -20.55 -4.49
N GLY B 33 -23.87 -19.25 -4.76
CA GLY B 33 -25.06 -18.46 -4.49
C GLY B 33 -24.84 -17.56 -3.30
N ASN B 34 -23.59 -17.15 -3.13
CA ASN B 34 -23.22 -16.37 -1.98
C ASN B 34 -22.62 -15.03 -2.33
N SER B 35 -22.80 -14.08 -1.42
CA SER B 35 -22.14 -12.79 -1.50
C SER B 35 -20.93 -12.80 -0.57
N LEU B 36 -19.81 -12.26 -1.05
CA LEU B 36 -18.56 -12.39 -0.32
C LEU B 36 -17.86 -11.09 0.02
N VAL B 37 -17.53 -10.91 1.29
CA VAL B 37 -16.62 -9.87 1.72
C VAL B 37 -15.31 -10.52 2.16
N VAL B 38 -14.20 -10.09 1.55
CA VAL B 38 -12.92 -10.70 1.82
C VAL B 38 -11.94 -9.77 2.52
N VAL B 39 -11.35 -10.29 3.61
CA VAL B 39 -10.29 -9.61 4.33
C VAL B 39 -9.01 -10.35 4.02
N VAL B 40 -7.96 -9.60 3.69
CA VAL B 40 -6.69 -10.24 3.38
C VAL B 40 -5.58 -9.64 4.22
N SER B 41 -4.66 -10.48 4.70
CA SER B 41 -3.45 -10.01 5.36
C SER B 41 -2.37 -9.60 4.35
N ALA B 42 -1.40 -8.81 4.81
CA ALA B 42 -0.20 -8.55 4.01
C ALA B 42 0.38 -9.90 3.57
N MET B 43 1.16 -9.89 2.50
CA MET B 43 1.51 -11.12 1.79
C MET B 43 2.26 -12.20 2.56
N GLY B 44 3.29 -11.81 3.30
CA GLY B 44 4.05 -12.79 4.08
C GLY B 44 5.08 -12.16 5.00
N LYS B 45 6.34 -12.50 4.80
CA LYS B 45 7.42 -11.88 5.55
C LYS B 45 7.55 -10.43 5.11
N SER B 46 6.65 -10.02 4.22
CA SER B 46 6.60 -8.64 3.72
C SER B 46 6.52 -7.67 4.89
N THR B 47 5.68 -8.00 5.85
CA THR B 47 5.55 -7.18 7.04
C THR B 47 6.86 -7.18 7.83
N ASP B 48 7.49 -8.33 7.96
CA ASP B 48 8.76 -8.42 8.67
CA ASP B 48 8.77 -8.42 8.68
C ASP B 48 9.82 -7.52 8.03
N VAL B 49 9.87 -7.50 6.70
CA VAL B 49 10.88 -6.67 6.01
C VAL B 49 10.62 -5.18 6.21
N LEU B 50 9.36 -4.78 6.14
CA LEU B 50 8.96 -3.40 6.45
C LEU B 50 9.50 -2.96 7.82
N VAL B 51 9.15 -3.68 8.88
CA VAL B 51 9.67 -3.35 10.21
C VAL B 51 11.20 -3.35 10.28
N ASP B 52 11.84 -4.35 9.67
CA ASP B 52 13.30 -4.38 9.61
C ASP B 52 13.84 -3.03 9.15
N LEU B 53 13.42 -2.63 7.95
CA LEU B 53 13.79 -1.33 7.37
C LEU B 53 13.67 -0.17 8.35
N ALA B 54 12.48 0.01 8.93
CA ALA B 54 12.27 1.12 9.86
C ALA B 54 13.29 1.08 11.00
N GLN B 55 13.63 -0.12 11.45
CA GLN B 55 14.53 -0.30 12.60
C GLN B 55 15.95 0.22 12.35
N GLN B 56 16.37 0.26 11.09
CA GLN B 56 17.70 0.77 10.78
C GLN B 56 17.70 2.30 10.62
N ILE B 57 16.54 2.91 10.82
CA ILE B 57 16.41 4.37 10.71
C ILE B 57 16.28 5.07 12.07
N SER B 58 15.39 4.57 12.93
CA SER B 58 15.35 5.04 14.31
C SER B 58 14.85 3.95 15.26
N PRO B 59 15.45 3.88 16.44
CA PRO B 59 15.13 2.89 17.48
C PRO B 59 13.64 2.87 17.76
N ASN B 60 13.12 4.01 18.18
CA ASN B 60 11.70 4.16 18.43
C ASN B 60 11.08 4.90 17.28
N PRO B 61 10.19 4.23 16.57
CA PRO B 61 9.55 4.80 15.40
C PRO B 61 8.29 5.49 15.80
N CYS B 62 8.09 6.68 15.33
CA CYS B 62 6.92 7.41 15.68
C CYS B 62 5.83 6.45 15.26
N ARG B 63 4.78 6.29 16.03
CA ARG B 63 3.79 5.29 15.69
C ARG B 63 3.03 5.49 14.38
N ARG B 64 2.62 6.72 14.10
CA ARG B 64 1.86 6.98 12.88
C ARG B 64 2.68 6.71 11.66
N GLU B 65 3.87 7.26 11.58
CA GLU B 65 4.70 6.93 10.43
C GLU B 65 4.84 5.43 10.26
N MET B 66 4.71 4.71 11.37
CA MET B 66 4.87 3.26 11.40
C MET B 66 3.62 2.53 10.91
N ASP B 67 2.44 3.01 11.32
CA ASP B 67 1.15 2.46 10.88
C ASP B 67 0.91 2.66 9.38
N MET B 68 1.49 3.72 8.83
CA MET B 68 1.39 3.99 7.41
C MET B 68 2.26 3.01 6.67
N LEU B 69 3.49 2.88 7.14
CA LEU B 69 4.45 1.93 6.60
C LEU B 69 3.84 0.53 6.56
N LEU B 70 3.34 0.07 7.70
CA LEU B 70 2.88 -1.32 7.83
C LEU B 70 1.56 -1.51 7.10
N SER B 71 0.89 -0.39 6.82
CA SER B 71 -0.41 -0.42 6.16
C SER B 71 -0.35 -0.76 4.67
N THR B 72 0.83 -0.64 4.06
CA THR B 72 0.96 -0.85 2.61
C THR B 72 0.75 -2.30 2.21
N GLY B 73 1.06 -3.21 3.14
CA GLY B 73 0.97 -4.64 2.89
C GLY B 73 -0.35 -5.12 2.34
N GLU B 74 -1.42 -4.92 3.11
CA GLU B 74 -2.74 -5.37 2.70
C GLU B 74 -3.24 -4.52 1.53
N GLN B 75 -2.74 -3.29 1.47
CA GLN B 75 -3.01 -2.43 0.34
C GLN B 75 -2.62 -3.16 -0.95
N VAL B 76 -1.41 -3.70 -0.99
CA VAL B 76 -1.03 -4.52 -2.15
C VAL B 76 -1.76 -5.88 -2.22
N SER B 77 -1.87 -6.61 -1.10
CA SER B 77 -2.54 -7.90 -1.13
C SER B 77 -3.97 -7.85 -1.70
N ILE B 78 -4.77 -6.88 -1.27
CA ILE B 78 -6.13 -6.75 -1.82
C ILE B 78 -6.11 -6.27 -3.28
N ALA B 79 -5.09 -5.52 -3.66
CA ALA B 79 -4.95 -5.13 -5.06
C ALA B 79 -4.65 -6.36 -5.91
N LEU B 80 -3.66 -7.13 -5.50
CA LEU B 80 -3.32 -8.35 -6.23
C LEU B 80 -4.52 -9.27 -6.35
N LEU B 81 -5.14 -9.60 -5.22
CA LEU B 81 -6.25 -10.55 -5.17
C LEU B 81 -7.42 -10.16 -6.07
N SER B 82 -7.77 -8.87 -6.04
CA SER B 82 -8.92 -8.40 -6.81
C SER B 82 -8.61 -8.40 -8.31
N LEU B 83 -7.35 -8.18 -8.67
CA LEU B 83 -6.89 -8.35 -10.06
C LEU B 83 -7.00 -9.81 -10.48
N ALA B 84 -6.53 -10.70 -9.60
CA ALA B 84 -6.57 -12.14 -9.84
C ALA B 84 -8.00 -12.64 -10.05
N LEU B 85 -8.93 -12.08 -9.27
CA LEU B 85 -10.35 -12.40 -9.42
C LEU B 85 -10.88 -11.91 -10.76
N GLN B 86 -10.46 -10.71 -11.14
CA GLN B 86 -10.89 -10.09 -12.39
C GLN B 86 -10.37 -10.82 -13.62
N GLU B 87 -9.20 -11.45 -13.49
CA GLU B 87 -8.64 -12.24 -14.56
C GLU B 87 -9.50 -13.44 -14.87
N ILE B 88 -10.05 -14.05 -13.83
CA ILE B 88 -10.91 -15.20 -14.02
C ILE B 88 -12.37 -14.77 -14.03
N ASP B 89 -12.60 -13.54 -14.45
CA ASP B 89 -13.94 -13.04 -14.69
C ASP B 89 -14.82 -13.10 -13.44
N GLN B 90 -14.25 -12.67 -12.33
CA GLN B 90 -15.02 -12.48 -11.10
C GLN B 90 -15.03 -11.01 -10.73
N PRO B 91 -16.18 -10.35 -10.93
CA PRO B 91 -16.27 -8.94 -10.58
C PRO B 91 -15.88 -8.72 -9.13
N ALA B 92 -14.85 -7.90 -8.91
CA ALA B 92 -14.35 -7.65 -7.57
C ALA B 92 -14.08 -6.17 -7.42
N ILE B 93 -13.58 -5.77 -6.25
CA ILE B 93 -13.25 -4.37 -5.98
C ILE B 93 -12.55 -4.21 -4.63
N SER B 94 -11.49 -3.40 -4.61
CA SER B 94 -10.72 -3.19 -3.39
C SER B 94 -11.17 -1.93 -2.69
N LEU B 95 -11.64 -2.07 -1.44
CA LEU B 95 -11.98 -0.94 -0.60
C LEU B 95 -10.94 -0.71 0.49
N THR B 96 -10.78 0.54 0.89
CA THR B 96 -9.70 0.91 1.80
C THR B 96 -10.14 2.01 2.76
N GLY B 97 -9.46 2.11 3.90
CA GLY B 97 -9.69 3.22 4.81
C GLY B 97 -11.14 3.62 5.05
N ALA B 98 -11.43 4.91 4.90
CA ALA B 98 -12.72 5.48 5.29
C ALA B 98 -13.90 4.90 4.50
N GLN B 99 -13.61 4.14 3.45
CA GLN B 99 -14.65 3.47 2.67
C GLN B 99 -15.21 2.25 3.41
N VAL B 100 -14.42 1.74 4.36
CA VAL B 100 -14.80 0.55 5.10
C VAL B 100 -15.19 0.87 6.54
N GLY B 101 -14.45 1.77 7.17
CA GLY B 101 -14.73 2.12 8.55
C GLY B 101 -13.74 3.05 9.21
N ILE B 102 -13.96 3.29 10.49
CA ILE B 102 -13.19 4.27 11.23
C ILE B 102 -12.78 3.74 12.60
N VAL B 103 -11.49 3.84 12.89
CA VAL B 103 -10.96 3.56 14.22
C VAL B 103 -10.66 4.87 14.94
N THR B 104 -11.09 5.00 16.19
CA THR B 104 -10.85 6.22 16.95
C THR B 104 -10.08 5.91 18.23
N GLU B 105 -9.08 6.74 18.54
CA GLU B 105 -8.33 6.57 19.79
C GLU B 105 -7.93 7.90 20.40
N LEU B 114 -9.36 2.49 21.82
CA LEU B 114 -9.50 2.39 20.38
C LEU B 114 -10.88 1.87 20.02
N GLU B 115 -11.57 2.57 19.12
CA GLU B 115 -12.97 2.30 18.85
C GLU B 115 -13.25 2.20 17.33
N ILE B 116 -13.58 0.98 16.89
CA ILE B 116 -13.80 0.68 15.48
C ILE B 116 -15.29 0.76 15.06
N ARG B 117 -15.56 1.27 13.85
CA ARG B 117 -16.93 1.34 13.33
C ARG B 117 -17.04 1.29 11.79
N PRO B 118 -17.49 0.16 11.22
CA PRO B 118 -17.72 -0.02 9.78
C PRO B 118 -18.87 0.80 9.21
N ASP B 119 -19.02 0.89 7.89
CA ASP B 119 -20.19 1.53 7.30
C ASP B 119 -20.93 0.66 6.25
N ARG B 120 -20.98 1.10 4.99
CA ARG B 120 -21.59 0.31 3.90
C ARG B 120 -21.61 1.00 2.52
N LEU B 121 -20.42 1.36 2.03
CA LEU B 121 -20.28 1.70 0.62
C LEU B 121 -20.07 0.36 -0.11
N GLU B 122 -19.90 -0.70 0.69
CA GLU B 122 -19.79 -2.04 0.12
C GLU B 122 -21.11 -2.81 0.19
N HIS B 123 -22.02 -2.37 1.04
CA HIS B 123 -23.40 -2.78 0.88
C HIS B 123 -23.81 -2.42 -0.55
N HIS B 124 -23.40 -1.23 -0.98
CA HIS B 124 -23.60 -0.80 -2.35
C HIS B 124 -22.87 -1.74 -3.31
N LEU B 125 -21.54 -1.70 -3.31
CA LEU B 125 -20.72 -2.47 -4.25
C LEU B 125 -21.04 -3.97 -4.18
N ARG B 126 -21.93 -4.31 -3.26
CA ARG B 126 -22.35 -5.68 -3.04
C ARG B 126 -23.06 -6.23 -4.27
N GLU B 127 -23.50 -5.34 -5.15
CA GLU B 127 -24.27 -5.75 -6.32
C GLU B 127 -23.40 -6.14 -7.51
N GLY B 128 -23.07 -7.44 -7.53
CA GLY B 128 -22.23 -8.01 -8.57
C GLY B 128 -20.88 -8.43 -8.02
N LYS B 129 -20.27 -7.52 -7.26
CA LYS B 129 -18.87 -7.67 -6.92
C LYS B 129 -18.63 -8.44 -5.62
N VAL B 130 -17.42 -8.98 -5.53
CA VAL B 130 -16.84 -9.44 -4.29
C VAL B 130 -16.07 -8.24 -3.77
N VAL B 131 -16.41 -7.76 -2.58
CA VAL B 131 -15.70 -6.63 -1.99
C VAL B 131 -14.51 -7.11 -1.17
N VAL B 132 -13.32 -6.71 -1.59
CA VAL B 132 -12.09 -7.10 -0.93
C VAL B 132 -11.57 -5.88 -0.20
N VAL B 133 -11.32 -6.03 1.09
CA VAL B 133 -11.19 -4.89 1.98
C VAL B 133 -9.87 -4.90 2.75
N ALA B 134 -9.38 -3.69 3.04
CA ALA B 134 -8.17 -3.52 3.81
C ALA B 134 -8.07 -2.07 4.29
N GLY B 135 -7.90 -1.93 5.60
CA GLY B 135 -7.67 -0.63 6.20
C GLY B 135 -8.93 0.03 6.72
N PHE B 136 -8.75 0.88 7.72
CA PHE B 136 -9.80 1.78 8.18
C PHE B 136 -9.14 3.13 8.29
N GLN B 137 -9.95 4.17 8.39
CA GLN B 137 -9.43 5.50 8.68
C GLN B 137 -9.26 5.64 10.21
N GLY B 138 -8.13 6.17 10.64
CA GLY B 138 -7.86 6.42 12.05
C GLY B 138 -7.85 7.90 12.42
N ILE B 139 -8.19 8.23 13.67
CA ILE B 139 -8.09 9.61 14.11
C ILE B 139 -7.41 9.70 15.49
N SER B 140 -6.78 10.83 15.78
CA SER B 140 -6.08 11.03 17.05
C SER B 140 -6.35 12.41 17.65
N GLU B 143 -2.66 13.63 15.24
CA GLU B 143 -2.74 14.05 13.84
C GLU B 143 -3.90 13.36 13.15
N HIS B 144 -3.65 12.72 12.01
CA HIS B 144 -4.69 11.98 11.31
C HIS B 144 -4.14 11.04 10.24
N LEU B 145 -4.61 9.80 10.23
CA LEU B 145 -4.19 8.80 9.23
C LEU B 145 -5.31 8.29 8.31
N GLU B 146 -5.04 8.29 7.02
CA GLU B 146 -5.98 7.88 5.99
C GLU B 146 -6.18 6.36 5.85
N ILE B 147 -5.13 5.58 6.11
CA ILE B 147 -5.24 4.11 6.17
C ILE B 147 -4.30 3.51 7.23
N THR B 148 -4.89 2.78 8.17
CA THR B 148 -4.11 2.03 9.16
C THR B 148 -4.76 0.69 9.40
N THR B 149 -4.00 -0.21 10.03
CA THR B 149 -4.51 -1.52 10.41
C THR B 149 -4.73 -1.53 11.91
N LEU B 150 -5.29 -2.63 12.41
CA LEU B 150 -5.64 -2.74 13.83
C LEU B 150 -4.54 -3.39 14.66
N GLY B 151 -3.48 -3.86 14.00
CA GLY B 151 -2.38 -4.50 14.69
C GLY B 151 -2.22 -5.98 14.36
N ARG B 152 -1.48 -6.69 15.21
CA ARG B 152 -1.11 -8.08 14.96
C ARG B 152 -2.30 -8.97 14.58
N GLY B 153 -3.27 -9.08 15.48
CA GLY B 153 -4.42 -9.93 15.26
C GLY B 153 -5.58 -9.17 14.64
N GLY B 154 -5.25 -8.08 13.95
CA GLY B 154 -6.26 -7.20 13.41
C GLY B 154 -7.09 -7.84 12.33
N SER B 155 -6.47 -8.75 11.57
CA SER B 155 -7.14 -9.35 10.42
C SER B 155 -8.37 -10.15 10.85
N ASP B 156 -8.18 -11.04 11.83
CA ASP B 156 -9.27 -11.82 12.43
C ASP B 156 -10.37 -10.92 13.00
N THR B 157 -9.96 -9.91 13.76
CA THR B 157 -10.91 -9.02 14.40
C THR B 157 -11.70 -8.21 13.39
N SER B 158 -11.00 -7.71 12.35
CA SER B 158 -11.66 -6.91 11.34
C SER B 158 -12.74 -7.74 10.68
N ALA B 159 -12.38 -8.97 10.33
CA ALA B 159 -13.30 -9.88 9.65
C ALA B 159 -14.58 -10.09 10.47
N VAL B 160 -14.41 -10.44 11.74
CA VAL B 160 -15.58 -10.67 12.59
C VAL B 160 -16.41 -9.38 12.76
N ALA B 161 -15.73 -8.29 13.12
CA ALA B 161 -16.40 -6.99 13.21
C ALA B 161 -17.21 -6.65 11.95
N LEU B 162 -16.69 -7.03 10.79
CA LEU B 162 -17.37 -6.76 9.53
C LEU B 162 -18.60 -7.63 9.36
N ALA B 163 -18.46 -8.92 9.66
CA ALA B 163 -19.57 -9.87 9.59
C ALA B 163 -20.69 -9.41 10.52
N ALA B 164 -20.30 -8.90 11.68
CA ALA B 164 -21.28 -8.38 12.62
C ALA B 164 -22.04 -7.20 11.99
N ALA B 165 -21.31 -6.23 11.47
CA ALA B 165 -21.92 -4.99 10.94
C ALA B 165 -22.83 -5.23 9.74
N LEU B 166 -22.52 -6.28 8.98
CA LEU B 166 -23.23 -6.55 7.73
C LEU B 166 -24.31 -7.60 7.93
N LYS B 167 -24.44 -8.10 9.16
CA LYS B 167 -25.36 -9.20 9.44
C LYS B 167 -25.03 -10.40 8.56
N ALA B 168 -23.75 -10.78 8.53
CA ALA B 168 -23.32 -11.93 7.73
C ALA B 168 -23.86 -13.24 8.32
N ASP B 169 -24.13 -14.20 7.45
CA ASP B 169 -24.67 -15.48 7.88
C ASP B 169 -23.63 -16.26 8.66
N PHE B 170 -22.38 -16.16 8.22
CA PHE B 170 -21.26 -16.70 8.98
C PHE B 170 -19.94 -16.10 8.52
N CYS B 171 -18.88 -16.44 9.22
CA CYS B 171 -17.56 -15.91 8.94
C CYS B 171 -16.52 -17.03 8.94
N GLU B 172 -15.72 -17.10 7.88
CA GLU B 172 -14.75 -18.18 7.73
C GLU B 172 -13.32 -17.66 7.81
N ILE B 173 -12.51 -18.24 8.67
CA ILE B 173 -11.09 -17.89 8.77
C ILE B 173 -10.23 -18.97 8.11
N TYR B 174 -9.58 -18.61 6.99
CA TYR B 174 -8.76 -19.55 6.24
C TYR B 174 -7.29 -19.45 6.62
N THR B 175 -6.64 -20.62 6.69
CA THR B 175 -5.28 -20.72 7.22
C THR B 175 -4.62 -22.03 6.79
N ASP B 176 -3.34 -22.16 7.08
CA ASP B 176 -2.61 -23.39 6.78
C ASP B 176 -2.74 -24.39 7.92
N VAL B 177 -3.99 -24.74 8.24
CA VAL B 177 -4.31 -25.65 9.32
C VAL B 177 -5.77 -26.08 9.16
N PRO B 178 -6.06 -27.37 9.34
CA PRO B 178 -7.38 -27.96 9.07
C PRO B 178 -8.41 -27.49 10.08
N GLY B 179 -7.93 -27.00 11.22
CA GLY B 179 -8.82 -26.51 12.25
C GLY B 179 -8.19 -26.55 13.63
N ILE B 180 -9.01 -26.78 14.64
CA ILE B 180 -8.54 -26.87 16.03
C ILE B 180 -8.44 -28.32 16.47
N LEU B 181 -7.28 -28.69 17.01
CA LEU B 181 -7.10 -30.05 17.52
C LEU B 181 -7.45 -30.15 19.01
N THR B 182 -7.70 -31.37 19.47
CA THR B 182 -7.99 -31.65 20.88
C THR B 182 -6.82 -31.38 21.80
N THR B 183 -5.61 -31.44 21.26
CA THR B 183 -4.43 -31.04 22.00
C THR B 183 -3.23 -30.87 21.09
N ASP B 184 -2.06 -30.68 21.69
CA ASP B 184 -0.81 -30.47 20.96
C ASP B 184 -0.29 -31.78 20.37
N PRO B 185 -0.40 -31.94 19.04
CA PRO B 185 -0.02 -33.18 18.33
C PRO B 185 1.40 -33.57 18.66
N ARG B 186 2.25 -32.56 18.85
CA ARG B 186 3.66 -32.78 19.16
C ARG B 186 3.86 -33.60 20.44
N LEU B 187 2.87 -33.61 21.32
CA LEU B 187 2.95 -34.43 22.54
C LEU B 187 1.97 -35.60 22.52
N VAL B 188 0.88 -35.45 21.78
CA VAL B 188 -0.12 -36.51 21.69
C VAL B 188 -0.60 -36.72 20.26
N PRO B 189 0.13 -37.53 19.49
CA PRO B 189 -0.14 -37.76 18.07
C PRO B 189 -1.59 -38.15 17.77
N GLU B 190 -2.28 -38.73 18.75
CA GLU B 190 -3.66 -39.19 18.54
C GLU B 190 -4.65 -38.04 18.60
N ALA B 191 -4.12 -36.83 18.80
CA ALA B 191 -4.93 -35.61 18.77
C ALA B 191 -5.85 -35.58 17.55
N GLN B 192 -7.14 -35.39 17.81
CA GLN B 192 -8.17 -35.46 16.78
C GLN B 192 -8.61 -34.05 16.39
N LEU B 193 -9.06 -33.88 15.14
CA LEU B 193 -9.52 -32.56 14.65
C LEU B 193 -10.94 -32.30 15.13
N MET B 194 -11.15 -31.18 15.83
CA MET B 194 -12.46 -30.85 16.35
C MET B 194 -13.40 -30.47 15.22
N ALA B 195 -14.61 -31.01 15.24
CA ALA B 195 -15.64 -30.56 14.31
C ALA B 195 -16.24 -29.26 14.83
N GLU B 196 -16.54 -29.23 16.13
CA GLU B 196 -17.18 -28.08 16.77
C GLU B 196 -16.45 -27.70 18.05
N ILE B 197 -16.40 -26.41 18.34
CA ILE B 197 -15.94 -25.94 19.64
C ILE B 197 -16.68 -24.66 19.95
N THR B 198 -17.02 -24.44 21.22
CA THR B 198 -17.71 -23.22 21.60
C THR B 198 -16.74 -22.05 21.71
N CYS B 199 -17.23 -20.85 21.48
CA CYS B 199 -16.45 -19.65 21.72
C CYS B 199 -15.77 -19.69 23.09
N ASP B 200 -16.55 -19.95 24.12
CA ASP B 200 -16.03 -19.99 25.49
C ASP B 200 -14.94 -21.04 25.67
N GLU B 201 -15.15 -22.22 25.07
CA GLU B 201 -14.14 -23.27 25.07
C GLU B 201 -12.89 -22.80 24.34
N MET B 202 -13.11 -22.17 23.18
CA MET B 202 -12.03 -21.71 22.35
C MET B 202 -11.20 -20.69 23.12
N LEU B 203 -11.89 -19.86 23.90
CA LEU B 203 -11.21 -18.87 24.72
C LEU B 203 -10.40 -19.50 25.84
N GLU B 204 -10.97 -20.50 26.50
CA GLU B 204 -10.25 -21.13 27.60
C GLU B 204 -9.11 -21.99 27.07
N LEU B 205 -9.23 -22.43 25.81
CA LEU B 205 -8.18 -23.20 25.15
C LEU B 205 -7.41 -22.34 24.14
N ALA B 206 -7.32 -21.04 24.42
CA ALA B 206 -6.60 -20.10 23.57
C ALA B 206 -5.34 -20.69 22.93
N SER B 207 -4.57 -21.42 23.72
CA SER B 207 -3.29 -21.96 23.27
C SER B 207 -3.46 -22.94 22.12
N LEU B 208 -4.57 -23.69 22.13
CA LEU B 208 -4.88 -24.58 21.00
C LEU B 208 -5.12 -23.82 19.69
N GLY B 209 -5.30 -22.51 19.76
CA GLY B 209 -5.48 -21.70 18.56
C GLY B 209 -4.38 -20.66 18.41
N ALA B 210 -3.32 -20.84 19.19
CA ALA B 210 -2.20 -19.90 19.25
C ALA B 210 -1.92 -19.13 17.97
N LYS B 211 -1.50 -19.86 16.95
CA LYS B 211 -0.98 -19.23 15.74
C LYS B 211 -2.01 -19.32 14.62
N VAL B 212 -3.26 -19.55 14.97
CA VAL B 212 -4.31 -19.74 13.97
C VAL B 212 -5.42 -18.69 14.08
N LEU B 213 -5.85 -18.36 15.30
CA LEU B 213 -6.74 -17.22 15.47
C LEU B 213 -6.70 -16.49 16.83
N HIS B 214 -7.23 -15.27 16.84
CA HIS B 214 -7.05 -14.34 17.95
C HIS B 214 -8.25 -14.32 18.86
N PRO B 215 -8.01 -14.57 20.14
CA PRO B 215 -9.06 -14.64 21.15
C PRO B 215 -10.07 -13.51 21.10
N ARG B 216 -9.64 -12.27 20.89
CA ARG B 216 -10.57 -11.14 20.89
CA ARG B 216 -10.56 -11.15 20.88
C ARG B 216 -11.60 -11.29 19.77
N ALA B 217 -11.24 -12.00 18.70
CA ALA B 217 -12.16 -12.14 17.57
C ALA B 217 -13.22 -13.19 17.84
N VAL B 218 -12.82 -14.29 18.46
CA VAL B 218 -13.80 -15.29 18.87
C VAL B 218 -14.74 -14.72 19.93
N GLU B 219 -14.22 -13.85 20.78
CA GLU B 219 -15.06 -13.16 21.75
C GLU B 219 -16.06 -12.19 21.11
N ILE B 220 -15.65 -11.53 20.03
CA ILE B 220 -16.57 -10.61 19.35
C ILE B 220 -17.64 -11.43 18.66
N ALA B 221 -17.23 -12.53 18.03
CA ALA B 221 -18.17 -13.46 17.41
C ALA B 221 -19.20 -13.99 18.40
N ARG B 222 -18.75 -14.39 19.59
CA ARG B 222 -19.68 -14.88 20.61
C ARG B 222 -20.69 -13.77 20.90
N ASN B 223 -20.19 -12.56 21.11
CA ASN B 223 -21.06 -11.47 21.57
C ASN B 223 -22.08 -10.98 20.55
N TYR B 224 -21.81 -11.21 19.26
CA TYR B 224 -22.76 -10.80 18.22
C TYR B 224 -23.33 -12.00 17.47
N GLY B 225 -23.18 -13.19 18.06
CA GLY B 225 -23.77 -14.40 17.54
C GLY B 225 -23.33 -14.69 16.11
N ILE B 226 -22.05 -14.47 15.83
CA ILE B 226 -21.54 -14.73 14.49
C ILE B 226 -20.91 -16.12 14.39
N PRO B 227 -21.52 -17.02 13.60
CA PRO B 227 -20.94 -18.34 13.40
C PRO B 227 -19.54 -18.20 12.80
N LEU B 228 -18.58 -18.94 13.32
CA LEU B 228 -17.21 -18.92 12.83
C LEU B 228 -16.76 -20.28 12.31
N VAL B 229 -15.74 -20.28 11.45
CA VAL B 229 -15.21 -21.51 10.88
C VAL B 229 -13.71 -21.40 10.60
N VAL B 230 -12.92 -22.21 11.27
CA VAL B 230 -11.50 -22.34 11.00
C VAL B 230 -11.27 -23.47 9.99
N ARG B 231 -10.84 -23.08 8.79
CA ARG B 231 -10.67 -24.01 7.67
C ARG B 231 -9.25 -23.93 7.18
N SER B 232 -8.91 -24.79 6.23
CA SER B 232 -7.63 -24.72 5.52
C SER B 232 -7.81 -24.37 4.03
N SER B 233 -6.85 -23.63 3.49
CA SER B 233 -6.91 -23.17 2.12
C SER B 233 -6.53 -24.27 1.12
N TRP B 234 -5.63 -25.16 1.54
CA TRP B 234 -5.14 -26.24 0.68
C TRP B 234 -6.04 -27.46 0.73
N SER B 235 -7.31 -27.24 1.07
CA SER B 235 -8.25 -28.33 1.32
C SER B 235 -9.67 -27.83 1.09
N ASP B 236 -10.60 -28.76 0.92
CA ASP B 236 -12.01 -28.40 0.91
C ASP B 236 -12.74 -29.08 2.07
N GLU B 237 -11.97 -29.47 3.10
CA GLU B 237 -12.52 -30.11 4.29
CA GLU B 237 -12.52 -30.09 4.30
C GLU B 237 -13.31 -29.10 5.15
N PRO B 238 -14.36 -29.58 5.82
CA PRO B 238 -15.27 -28.74 6.63
C PRO B 238 -14.58 -27.78 7.60
N GLY B 239 -13.45 -28.20 8.17
CA GLY B 239 -12.76 -27.40 9.17
C GLY B 239 -13.43 -27.47 10.52
N THR B 240 -13.08 -26.51 11.39
CA THR B 240 -13.61 -26.48 12.75
C THR B 240 -14.56 -25.31 12.95
N LYS B 241 -15.81 -25.64 13.27
CA LYS B 241 -16.86 -24.66 13.51
C LYS B 241 -16.77 -24.10 14.94
N VAL B 242 -16.66 -22.79 15.05
CA VAL B 242 -16.65 -22.13 16.36
C VAL B 242 -18.04 -21.58 16.63
N VAL B 243 -18.71 -22.18 17.60
CA VAL B 243 -20.14 -22.03 17.80
C VAL B 243 -20.50 -21.02 18.90
N ALA B 244 -21.53 -20.21 18.67
CA ALA B 244 -21.90 -19.13 19.57
C ALA B 244 -23.36 -19.23 20.00
N PRO B 245 -23.73 -18.53 21.08
CA PRO B 245 -25.16 -18.56 21.42
C PRO B 245 -25.87 -17.78 20.33
N PRO B 246 -27.11 -18.20 19.98
CA PRO B 246 -27.87 -17.44 18.99
C PRO B 246 -28.25 -16.08 19.56
N VAL B 247 -27.71 -15.01 18.98
CA VAL B 247 -27.95 -13.66 19.48
C VAL B 247 -28.61 -12.78 18.43
N ARG B 250 -29.98 -6.72 18.04
CA ARG B 250 -29.10 -7.43 17.11
C ARG B 250 -28.02 -6.52 16.56
N SER B 251 -28.40 -5.32 16.15
CA SER B 251 -27.48 -4.37 15.55
C SER B 251 -26.83 -3.45 16.58
N LEU B 252 -25.51 -3.52 16.67
CA LEU B 252 -24.75 -2.75 17.64
C LEU B 252 -23.47 -2.23 16.99
N VAL B 253 -23.17 -0.95 17.18
CA VAL B 253 -22.08 -0.31 16.46
C VAL B 253 -21.26 0.67 17.32
N GLY B 254 -20.18 0.17 17.91
CA GLY B 254 -19.33 1.01 18.75
C GLY B 254 -18.37 0.13 19.50
N LEU B 255 -17.49 -0.52 18.76
CA LEU B 255 -16.71 -1.66 19.23
C LEU B 255 -15.36 -1.32 19.88
N GLU B 256 -15.25 -1.53 21.17
CA GLU B 256 -13.97 -1.36 21.86
C GLU B 256 -13.13 -2.58 21.56
N ILE B 257 -11.94 -2.38 20.98
CA ILE B 257 -11.16 -3.49 20.46
C ILE B 257 -9.94 -3.83 21.31
N ALA B 258 -9.74 -3.12 22.40
CA ALA B 258 -8.61 -3.36 23.27
C ALA B 258 -9.00 -3.51 24.74
N LYS B 259 -10.27 -3.86 24.98
CA LYS B 259 -10.76 -3.99 26.35
C LYS B 259 -10.13 -5.21 27.02
N ALA B 260 -9.52 -5.01 28.19
CA ALA B 260 -8.97 -6.16 28.90
C ALA B 260 -10.12 -7.06 29.36
N VAL B 261 -11.22 -6.42 29.75
CA VAL B 261 -12.33 -7.11 30.39
C VAL B 261 -13.63 -6.91 29.64
N ASP B 262 -14.23 -8.01 29.25
CA ASP B 262 -15.47 -7.99 28.51
C ASP B 262 -16.68 -7.96 29.42
N GLY B 263 -16.58 -8.53 30.62
CA GLY B 263 -17.76 -8.66 31.44
C GLY B 263 -17.51 -8.90 32.90
N VAL B 264 -18.49 -8.58 33.71
CA VAL B 264 -18.44 -8.85 35.13
CA VAL B 264 -18.41 -8.88 35.12
C VAL B 264 -19.55 -9.81 35.52
N GLU B 265 -19.26 -10.71 36.46
CA GLU B 265 -20.20 -11.78 36.80
C GLU B 265 -20.44 -11.89 38.31
N TYR B 266 -21.67 -12.25 38.67
CA TYR B 266 -22.04 -12.40 40.07
C TYR B 266 -23.02 -13.55 40.30
N ASP B 267 -22.67 -14.47 41.18
CA ASP B 267 -23.51 -15.63 41.48
C ASP B 267 -23.70 -15.80 42.98
N ALA B 268 -24.92 -15.61 43.44
CA ALA B 268 -25.16 -15.63 44.88
C ALA B 268 -25.51 -17.02 45.39
N ASP B 269 -25.90 -17.90 44.46
CA ASP B 269 -26.33 -19.24 44.80
C ASP B 269 -25.10 -20.16 44.95
N GLN B 270 -24.37 -19.94 46.04
CA GLN B 270 -23.08 -20.57 46.28
C GLN B 270 -22.95 -20.89 47.77
N ALA B 271 -22.29 -22.01 48.06
CA ALA B 271 -21.98 -22.41 49.45
C ALA B 271 -20.73 -23.25 49.42
N LYS B 272 -19.85 -23.03 50.38
CA LYS B 272 -18.56 -23.71 50.41
C LYS B 272 -18.53 -24.93 51.34
N VAL B 273 -18.03 -26.04 50.82
CA VAL B 273 -17.57 -27.15 51.65
C VAL B 273 -16.04 -27.25 51.50
N ALA B 274 -15.33 -27.34 52.62
CA ALA B 274 -13.90 -27.56 52.56
C ALA B 274 -13.50 -28.75 53.43
N LEU B 275 -12.60 -29.58 52.91
CA LEU B 275 -11.96 -30.62 53.68
C LEU B 275 -10.58 -30.14 53.99
N LEU B 276 -10.29 -30.00 55.28
CA LEU B 276 -9.02 -29.46 55.76
C LEU B 276 -8.03 -30.55 56.14
N ARG B 277 -6.76 -30.27 55.89
CA ARG B 277 -5.66 -31.11 56.34
C ARG B 277 -5.81 -32.56 55.91
N VAL B 278 -6.09 -32.75 54.63
CA VAL B 278 -6.16 -34.07 54.03
CA VAL B 278 -6.15 -34.10 54.06
C VAL B 278 -4.74 -34.51 53.65
N PRO B 279 -4.48 -35.83 53.54
CA PRO B 279 -3.14 -36.25 53.12
C PRO B 279 -2.78 -35.79 51.70
N ASP B 280 -1.55 -35.33 51.51
CA ASP B 280 -1.13 -34.84 50.21
C ASP B 280 -0.48 -35.95 49.38
N ARG B 281 -1.30 -36.83 48.84
CA ARG B 281 -0.83 -37.95 48.05
C ARG B 281 -1.81 -38.28 46.92
N PRO B 282 -1.34 -38.95 45.89
CA PRO B 282 -2.29 -39.33 44.83
C PRO B 282 -3.47 -40.15 45.38
N GLY B 283 -4.66 -39.88 44.83
CA GLY B 283 -5.86 -40.63 45.14
C GLY B 283 -6.87 -39.86 45.98
N VAL B 284 -6.38 -38.89 46.74
CA VAL B 284 -7.23 -38.19 47.70
C VAL B 284 -8.38 -37.45 47.00
N ALA B 285 -8.03 -36.54 46.11
CA ALA B 285 -9.07 -35.75 45.45
C ALA B 285 -9.96 -36.68 44.65
N SER B 286 -9.35 -37.62 43.95
CA SER B 286 -10.09 -38.66 43.24
C SER B 286 -11.24 -39.22 44.08
N LYS B 287 -10.94 -39.73 45.27
CA LYS B 287 -11.97 -40.37 46.10
C LYS B 287 -13.05 -39.39 46.55
N LEU B 288 -12.63 -38.25 47.09
CA LEU B 288 -13.57 -37.19 47.47
C LEU B 288 -14.65 -37.00 46.42
N PHE B 289 -14.23 -36.61 45.23
CA PHE B 289 -15.20 -36.15 44.26
C PHE B 289 -15.93 -37.31 43.61
N ARG B 290 -15.27 -38.45 43.55
CA ARG B 290 -15.95 -39.64 43.06
C ARG B 290 -17.19 -39.90 43.91
N ASP B 291 -17.01 -39.97 45.23
CA ASP B 291 -18.14 -40.27 46.12
C ASP B 291 -19.21 -39.18 46.02
N ILE B 292 -18.80 -37.92 46.06
CA ILE B 292 -19.75 -36.81 45.91
C ILE B 292 -20.59 -36.94 44.62
N ALA B 293 -19.95 -37.37 43.54
CA ALA B 293 -20.68 -37.47 42.28
C ALA B 293 -21.66 -38.64 42.31
N GLN B 294 -21.36 -39.69 43.08
CA GLN B 294 -22.28 -40.81 43.25
C GLN B 294 -23.62 -40.37 43.84
N GLN B 295 -23.60 -39.29 44.62
CA GLN B 295 -24.83 -38.65 45.08
C GLN B 295 -25.48 -37.78 44.01
N GLN B 296 -24.88 -37.73 42.83
CA GLN B 296 -25.35 -36.86 41.75
C GLN B 296 -25.29 -35.39 42.13
N VAL B 297 -24.23 -35.01 42.84
CA VAL B 297 -24.04 -33.63 43.27
C VAL B 297 -23.16 -32.88 42.28
N ASP B 298 -23.76 -31.93 41.58
CA ASP B 298 -22.97 -31.13 40.66
C ASP B 298 -22.13 -30.10 41.41
N ILE B 299 -20.90 -29.90 40.95
CA ILE B 299 -19.96 -28.96 41.60
C ILE B 299 -19.58 -27.76 40.72
N ASP B 300 -19.39 -26.59 41.36
CA ASP B 300 -18.91 -25.40 40.66
C ASP B 300 -17.43 -25.16 40.86
N LEU B 301 -17.07 -24.28 41.79
CA LEU B 301 -15.67 -24.05 42.12
C LEU B 301 -14.96 -25.28 42.76
N ILE B 302 -13.74 -25.54 42.32
CA ILE B 302 -12.83 -26.41 43.06
C ILE B 302 -11.50 -25.69 43.18
N ILE B 303 -11.11 -25.43 44.42
CA ILE B 303 -9.90 -24.68 44.69
C ILE B 303 -8.98 -25.44 45.63
N GLN B 304 -7.75 -25.66 45.19
CA GLN B 304 -6.72 -26.25 46.04
C GLN B 304 -5.41 -25.54 45.79
N SER B 305 -4.98 -24.79 46.79
CA SER B 305 -3.74 -24.04 46.70
C SER B 305 -2.57 -24.91 47.15
N ILE B 306 -1.48 -24.29 47.58
CA ILE B 306 -0.24 -25.01 47.82
C ILE B 306 -0.33 -25.87 49.11
N HIS B 307 0.43 -26.96 49.14
CA HIS B 307 0.43 -27.87 50.27
C HIS B 307 0.91 -27.17 51.54
N ASP B 308 0.49 -27.70 52.69
CA ASP B 308 0.97 -27.23 53.97
C ASP B 308 1.58 -28.44 54.64
N GLY B 309 2.91 -28.47 54.67
CA GLY B 309 3.63 -29.64 55.14
C GLY B 309 3.31 -30.87 54.30
N ASN B 310 2.92 -31.95 54.96
CA ASN B 310 2.61 -33.16 54.20
CA ASN B 310 2.58 -33.23 54.36
C ASN B 310 1.11 -33.35 53.91
N SER B 311 0.39 -32.25 53.87
CA SER B 311 -1.04 -32.30 53.57
C SER B 311 -1.56 -31.06 52.83
N ASN B 312 -2.85 -31.06 52.52
CA ASN B 312 -3.46 -29.93 51.83
C ASN B 312 -4.93 -29.79 52.23
N ASP B 313 -5.57 -28.71 51.78
CA ASP B 313 -7.01 -28.56 51.89
C ASP B 313 -7.66 -28.71 50.51
N ILE B 314 -8.94 -29.05 50.48
CA ILE B 314 -9.66 -29.06 49.23
C ILE B 314 -10.98 -28.35 49.45
N ALA B 315 -11.23 -27.32 48.65
CA ALA B 315 -12.48 -26.58 48.75
C ALA B 315 -13.27 -26.69 47.48
N PHE B 316 -14.59 -26.72 47.63
CA PHE B 316 -15.47 -26.66 46.47
C PHE B 316 -16.75 -25.90 46.82
N THR B 317 -17.49 -25.47 45.82
CA THR B 317 -18.76 -24.82 46.08
C THR B 317 -19.87 -25.58 45.39
N VAL B 318 -21.06 -25.42 45.97
CA VAL B 318 -22.26 -26.00 45.44
C VAL B 318 -23.39 -24.99 45.61
N VAL B 319 -24.49 -25.25 44.94
CA VAL B 319 -25.69 -24.46 45.11
C VAL B 319 -26.16 -24.52 46.56
N LYS B 320 -26.62 -23.39 47.09
CA LYS B 320 -27.01 -23.27 48.49
C LYS B 320 -27.85 -24.42 49.04
N ASP B 321 -28.84 -24.87 48.29
CA ASP B 321 -29.77 -25.88 48.77
C ASP B 321 -29.18 -27.30 48.76
N LEU B 322 -27.96 -27.42 48.21
CA LEU B 322 -27.25 -28.69 48.15
C LEU B 322 -26.16 -28.75 49.20
N LEU B 323 -25.89 -27.62 49.85
CA LEU B 323 -24.86 -27.58 50.88
C LEU B 323 -25.01 -28.67 51.95
N ASN B 324 -26.21 -28.81 52.49
CA ASN B 324 -26.44 -29.83 53.52
C ASN B 324 -26.13 -31.23 52.99
N THR B 325 -26.64 -31.56 51.80
CA THR B 325 -26.34 -32.85 51.21
C THR B 325 -24.85 -33.02 51.10
N ALA B 326 -24.22 -32.00 50.52
CA ALA B 326 -22.80 -32.01 50.21
C ALA B 326 -21.95 -32.16 51.46
N GLU B 327 -22.35 -31.51 52.55
CA GLU B 327 -21.59 -31.60 53.79
C GLU B 327 -21.68 -33.01 54.40
N ALA B 328 -22.88 -33.56 54.41
CA ALA B 328 -23.05 -34.89 54.95
C ALA B 328 -22.23 -35.95 54.20
N VAL B 329 -22.29 -35.92 52.87
CA VAL B 329 -21.50 -36.87 52.06
C VAL B 329 -20.01 -36.71 52.32
N THR B 330 -19.56 -35.47 52.33
CA THR B 330 -18.16 -35.18 52.62
C THR B 330 -17.79 -35.70 54.01
N SER B 331 -18.64 -35.41 55.00
CA SER B 331 -18.36 -35.84 56.36
C SER B 331 -18.21 -37.35 56.47
N ALA B 332 -18.72 -38.08 55.49
CA ALA B 332 -18.72 -39.54 55.56
C ALA B 332 -17.52 -40.17 54.85
N ILE B 333 -17.07 -39.53 53.79
CA ILE B 333 -15.88 -39.98 53.08
C ILE B 333 -14.63 -39.68 53.91
N ALA B 334 -14.66 -38.56 54.62
CA ALA B 334 -13.47 -38.06 55.32
C ALA B 334 -12.70 -39.14 56.08
N PRO B 335 -13.41 -40.01 56.83
CA PRO B 335 -12.59 -40.98 57.58
C PRO B 335 -11.83 -41.92 56.64
N ALA B 336 -12.45 -42.31 55.54
CA ALA B 336 -11.75 -43.05 54.50
C ALA B 336 -10.56 -42.31 53.87
N LEU B 337 -10.37 -41.03 54.21
CA LEU B 337 -9.28 -40.25 53.61
C LEU B 337 -8.10 -40.12 54.53
N ARG B 338 -8.28 -40.54 55.78
CA ARG B 338 -7.25 -40.38 56.79
C ARG B 338 -6.16 -41.41 56.62
N SER B 339 -4.95 -40.92 56.32
CA SER B 339 -3.74 -41.73 56.34
C SER B 339 -3.89 -42.96 57.24
N TYR B 340 -4.44 -42.75 58.43
CA TYR B 340 -4.72 -43.86 59.34
C TYR B 340 -6.05 -43.61 60.03
N PRO B 341 -6.79 -44.69 60.33
CA PRO B 341 -8.16 -44.61 60.85
C PRO B 341 -8.36 -43.57 61.95
N GLU B 342 -7.50 -43.56 62.96
CA GLU B 342 -7.70 -42.74 64.17
C GLU B 342 -7.21 -41.27 64.06
N ALA B 343 -6.96 -40.79 62.84
CA ALA B 343 -6.38 -39.47 62.65
C ALA B 343 -7.44 -38.36 62.66
N ASP B 344 -7.97 -38.08 63.84
CA ASP B 344 -9.07 -37.13 63.99
C ASP B 344 -8.68 -35.70 63.63
N GLN B 345 -7.37 -35.43 63.66
CA GLN B 345 -6.85 -34.14 63.21
C GLN B 345 -6.87 -34.02 61.67
N GLU B 346 -6.99 -35.15 60.99
CA GLU B 346 -7.04 -35.16 59.52
C GLU B 346 -8.45 -35.08 58.98
N ALA B 347 -8.53 -34.65 57.72
CA ALA B 347 -9.77 -34.68 56.97
C ALA B 347 -10.86 -34.02 57.78
N GLU B 348 -10.53 -32.90 58.38
CA GLU B 348 -11.56 -32.19 59.14
C GLU B 348 -12.37 -31.34 58.16
N ILE B 349 -13.68 -31.35 58.31
CA ILE B 349 -14.53 -30.69 57.36
C ILE B 349 -15.12 -29.41 57.92
N ILE B 350 -15.15 -28.39 57.07
CA ILE B 350 -15.81 -27.15 57.40
C ILE B 350 -16.72 -26.72 56.26
N VAL B 351 -17.59 -25.78 56.56
CA VAL B 351 -18.71 -25.49 55.70
C VAL B 351 -19.00 -23.99 55.85
N GLU B 352 -19.36 -23.34 54.75
CA GLU B 352 -19.59 -21.90 54.77
C GLU B 352 -20.74 -21.54 53.83
N LYS B 353 -21.85 -21.09 54.39
CA LYS B 353 -23.07 -20.90 53.63
C LYS B 353 -23.24 -19.49 53.06
N GLY B 354 -22.63 -18.48 53.67
CA GLY B 354 -22.96 -17.11 53.30
C GLY B 354 -21.94 -16.48 52.37
N ILE B 355 -21.69 -17.12 51.24
CA ILE B 355 -20.72 -16.62 50.27
C ILE B 355 -21.39 -16.25 48.95
N ALA B 356 -20.65 -15.50 48.13
CA ALA B 356 -21.05 -15.28 46.74
C ALA B 356 -19.80 -15.44 45.89
N LYS B 357 -20.01 -15.79 44.63
CA LYS B 357 -18.89 -15.84 43.69
C LYS B 357 -19.00 -14.62 42.76
N ILE B 358 -17.92 -13.87 42.64
CA ILE B 358 -17.87 -12.81 41.64
C ILE B 358 -16.70 -13.04 40.70
N ALA B 359 -16.82 -12.52 39.48
CA ALA B 359 -15.73 -12.69 38.50
C ALA B 359 -15.66 -11.53 37.54
N ILE B 360 -14.46 -11.34 37.01
CA ILE B 360 -14.28 -10.59 35.78
C ILE B 360 -13.89 -11.57 34.69
N ALA B 361 -14.43 -11.37 33.50
CA ALA B 361 -14.18 -12.26 32.38
C ALA B 361 -13.78 -11.44 31.17
N GLY B 362 -12.81 -11.94 30.41
CA GLY B 362 -12.40 -11.24 29.21
C GLY B 362 -11.17 -11.78 28.50
N ALA B 363 -11.32 -12.01 27.20
CA ALA B 363 -10.22 -12.47 26.37
C ALA B 363 -9.01 -11.53 26.45
N GLY B 364 -9.29 -10.23 26.62
CA GLY B 364 -8.24 -9.22 26.65
C GLY B 364 -7.30 -9.30 27.83
N MET B 365 -7.52 -10.25 28.74
CA MET B 365 -6.67 -10.37 29.92
C MET B 365 -5.52 -11.36 29.66
N ILE B 366 -5.72 -12.25 28.70
CA ILE B 366 -4.69 -13.21 28.33
C ILE B 366 -3.37 -12.51 28.03
N GLY B 367 -2.35 -12.83 28.82
CA GLY B 367 -1.02 -12.30 28.58
C GLY B 367 -0.84 -10.85 28.97
N ARG B 368 -1.92 -10.21 29.41
CA ARG B 368 -1.86 -8.79 29.78
C ARG B 368 -1.78 -8.55 31.30
N PRO B 369 -0.85 -7.68 31.74
CA PRO B 369 -0.63 -7.44 33.17
C PRO B 369 -1.63 -6.48 33.76
N GLY B 370 -1.75 -6.50 35.09
CA GLY B 370 -2.50 -5.51 35.82
C GLY B 370 -4.01 -5.74 35.91
N ILE B 371 -4.51 -6.74 35.21
CA ILE B 371 -5.95 -6.98 35.18
C ILE B 371 -6.46 -7.55 36.51
N ALA B 372 -5.87 -8.65 36.96
CA ALA B 372 -6.23 -9.26 38.24
C ALA B 372 -6.02 -8.22 39.33
N ALA B 373 -4.92 -7.48 39.23
CA ALA B 373 -4.53 -6.53 40.25
C ALA B 373 -5.58 -5.43 40.40
N LYS B 374 -6.16 -5.04 39.28
CA LYS B 374 -7.14 -3.97 39.29
C LYS B 374 -8.46 -4.51 39.85
N MET B 375 -8.72 -5.80 39.64
CA MET B 375 -9.89 -6.40 40.24
C MET B 375 -9.78 -6.33 41.76
N PHE B 376 -8.63 -6.77 42.27
CA PHE B 376 -8.37 -6.78 43.70
C PHE B 376 -8.38 -5.38 44.30
N LYS B 377 -7.82 -4.41 43.58
CA LYS B 377 -7.80 -3.03 44.07
C LYS B 377 -9.21 -2.49 44.20
N THR B 378 -10.01 -2.69 43.15
CA THR B 378 -11.41 -2.28 43.15
C THR B 378 -12.19 -2.77 44.36
N LEU B 379 -12.06 -4.06 44.65
CA LEU B 379 -12.71 -4.64 45.83
C LEU B 379 -12.15 -4.07 47.12
N ALA B 380 -10.82 -3.99 47.19
CA ALA B 380 -10.17 -3.41 48.36
C ALA B 380 -10.62 -1.97 48.61
N ASP B 381 -10.68 -1.17 47.55
CA ASP B 381 -11.08 0.24 47.67
C ASP B 381 -12.51 0.39 48.15
N VAL B 382 -13.32 -0.64 47.96
CA VAL B 382 -14.70 -0.58 48.44
C VAL B 382 -14.89 -1.45 49.73
N GLY B 383 -13.77 -1.83 50.32
CA GLY B 383 -13.76 -2.48 51.62
C GLY B 383 -14.10 -3.96 51.66
N VAL B 384 -14.16 -4.64 50.51
CA VAL B 384 -14.52 -6.06 50.55
C VAL B 384 -13.33 -7.02 50.53
N ASN B 385 -13.31 -7.90 51.53
CA ASN B 385 -12.22 -8.84 51.70
C ASN B 385 -12.37 -10.03 50.74
N ILE B 386 -11.25 -10.44 50.14
CA ILE B 386 -11.24 -11.60 49.26
C ILE B 386 -10.90 -12.88 50.03
N GLU B 387 -11.82 -13.83 50.02
CA GLU B 387 -11.64 -15.07 50.79
C GLU B 387 -10.93 -16.14 49.98
N MET B 388 -11.41 -16.39 48.77
CA MET B 388 -10.76 -17.37 47.90
C MET B 388 -10.60 -16.79 46.51
N ILE B 389 -9.67 -17.38 45.74
CA ILE B 389 -9.37 -16.94 44.39
C ILE B 389 -9.08 -18.11 43.46
N SER B 390 -9.64 -18.05 42.26
CA SER B 390 -9.45 -19.09 41.27
C SER B 390 -9.42 -18.50 39.85
N THR B 391 -8.34 -18.73 39.12
CA THR B 391 -8.25 -18.28 37.73
C THR B 391 -8.44 -19.39 36.72
N SER B 392 -9.08 -19.03 35.61
CA SER B 392 -8.98 -19.80 34.37
C SER B 392 -8.18 -18.98 33.33
N GLU B 393 -8.38 -19.25 32.05
CA GLU B 393 -7.62 -18.50 31.04
C GLU B 393 -8.20 -17.09 30.89
N VAL B 394 -9.51 -17.00 30.99
CA VAL B 394 -10.24 -15.77 30.68
CA VAL B 394 -10.22 -15.75 30.70
C VAL B 394 -11.11 -15.29 31.85
N LYS B 395 -10.97 -15.92 33.01
CA LYS B 395 -11.70 -15.49 34.21
C LYS B 395 -10.81 -15.46 35.42
N VAL B 396 -10.96 -14.42 36.23
CA VAL B 396 -10.53 -14.48 37.61
C VAL B 396 -11.76 -14.46 38.54
N SER B 397 -11.94 -15.56 39.28
CA SER B 397 -13.05 -15.69 40.22
C SER B 397 -12.61 -15.46 41.66
N CYS B 398 -13.48 -14.84 42.43
CA CYS B 398 -13.25 -14.55 43.84
C CYS B 398 -14.46 -15.00 44.64
N VAL B 399 -14.21 -15.54 45.83
CA VAL B 399 -15.31 -15.85 46.72
C VAL B 399 -15.31 -14.76 47.78
N ILE B 400 -16.49 -14.20 48.05
CA ILE B 400 -16.59 -13.15 49.06
C ILE B 400 -17.75 -13.40 50.02
N ASP B 401 -17.75 -12.68 51.13
CA ASP B 401 -18.94 -12.67 51.98
C ASP B 401 -20.13 -12.19 51.20
N GLN B 402 -21.20 -12.98 51.19
CA GLN B 402 -22.41 -12.62 50.46
C GLN B 402 -22.93 -11.19 50.75
N ARG B 403 -22.64 -10.70 51.94
CA ARG B 403 -23.11 -9.37 52.30
C ARG B 403 -22.38 -8.26 51.58
N ASP B 404 -21.24 -8.59 50.99
CA ASP B 404 -20.38 -7.63 50.29
C ASP B 404 -20.72 -7.58 48.80
N ALA B 405 -21.53 -8.52 48.34
CA ALA B 405 -21.76 -8.72 46.92
C ALA B 405 -22.27 -7.47 46.18
N ASP B 406 -23.24 -6.79 46.77
CA ASP B 406 -23.85 -5.66 46.10
C ASP B 406 -22.83 -4.52 45.77
N ARG B 407 -22.02 -4.14 46.74
CA ARG B 407 -21.07 -3.07 46.57
C ARG B 407 -19.86 -3.56 45.75
N ALA B 408 -19.63 -4.86 45.79
CA ALA B 408 -18.50 -5.44 45.09
C ALA B 408 -18.72 -5.45 43.59
N ILE B 409 -19.89 -5.89 43.17
CA ILE B 409 -20.11 -5.92 41.74
CA ILE B 409 -20.25 -5.97 41.76
C ILE B 409 -20.51 -4.57 41.13
N ALA B 410 -21.05 -3.65 41.94
CA ALA B 410 -21.24 -2.29 41.45
C ALA B 410 -19.87 -1.72 41.14
N ALA B 411 -18.93 -1.95 42.05
CA ALA B 411 -17.58 -1.42 41.93
C ALA B 411 -16.86 -1.97 40.71
N LEU B 412 -17.04 -3.27 40.46
CA LEU B 412 -16.38 -3.90 39.34
C LEU B 412 -17.02 -3.46 38.03
N SER B 413 -18.35 -3.40 38.04
CA SER B 413 -19.10 -2.89 36.90
C SER B 413 -18.60 -1.50 36.46
N ASN B 414 -18.47 -0.56 37.41
CA ASN B 414 -17.90 0.77 37.17
C ASN B 414 -16.46 0.80 36.73
N ALA B 415 -15.60 0.11 37.47
CA ALA B 415 -14.18 0.20 37.21
C ALA B 415 -13.81 -0.34 35.84
N PHE B 416 -14.54 -1.36 35.37
CA PHE B 416 -14.23 -1.98 34.09
C PHE B 416 -15.16 -1.56 32.97
N GLY B 417 -16.11 -0.69 33.26
CA GLY B 417 -17.03 -0.20 32.25
C GLY B 417 -17.93 -1.23 31.59
N VAL B 418 -18.29 -2.28 32.31
CA VAL B 418 -19.12 -3.32 31.71
C VAL B 418 -20.44 -3.60 32.41
N THR B 419 -21.37 -4.15 31.63
CA THR B 419 -22.64 -4.65 32.11
C THR B 419 -22.39 -6.02 32.71
N LEU B 420 -23.43 -6.62 33.29
CA LEU B 420 -23.32 -7.96 33.88
C LEU B 420 -23.73 -9.02 32.89
N SER B 421 -22.94 -10.08 32.80
CA SER B 421 -23.43 -11.29 32.13
C SER B 421 -24.35 -12.03 33.10
N PRO B 422 -25.13 -13.00 32.61
CA PRO B 422 -25.85 -13.92 33.50
C PRO B 422 -24.95 -14.62 34.54
N PRO B 423 -25.53 -14.97 35.70
CA PRO B 423 -24.90 -15.66 36.84
C PRO B 423 -24.39 -17.06 36.46
N LYS B 424 -25.21 -17.79 35.72
CA LYS B 424 -24.81 -19.05 35.12
C LYS B 424 -25.57 -19.28 33.82
N ASN B 425 -24.90 -19.90 32.84
CA ASN B 425 -25.51 -20.17 31.54
C ASN B 425 -26.47 -21.37 31.62
N LEU B 432 -24.01 -31.75 24.13
CA LEU B 432 -22.66 -31.24 24.35
C LEU B 432 -21.94 -32.08 25.40
N PRO B 433 -20.68 -32.45 25.10
CA PRO B 433 -19.76 -33.37 25.80
C PRO B 433 -19.14 -32.75 27.03
N ALA B 434 -18.70 -33.56 27.97
CA ALA B 434 -18.10 -33.07 29.21
C ALA B 434 -16.79 -32.34 28.95
N VAL B 435 -15.92 -32.95 28.14
CA VAL B 435 -14.62 -32.36 27.81
C VAL B 435 -14.49 -32.24 26.29
N ARG B 436 -13.99 -31.10 25.81
CA ARG B 436 -13.79 -30.89 24.38
C ARG B 436 -12.33 -31.01 23.94
N GLY B 437 -11.43 -30.48 24.77
CA GLY B 437 -10.00 -30.57 24.52
C GLY B 437 -9.20 -30.47 25.81
N VAL B 438 -7.91 -30.79 25.74
CA VAL B 438 -7.04 -30.70 26.91
C VAL B 438 -5.73 -30.04 26.51
N ALA B 439 -5.04 -29.46 27.47
CA ALA B 439 -3.83 -28.69 27.17
C ALA B 439 -2.81 -28.74 28.31
N LEU B 440 -1.58 -28.34 27.99
CA LEU B 440 -0.46 -28.50 28.89
C LEU B 440 0.44 -27.27 28.83
N ASP B 441 0.74 -26.67 29.98
CA ASP B 441 1.73 -25.60 30.00
C ASP B 441 2.89 -25.95 30.91
N GLN B 442 4.09 -26.01 30.33
CA GLN B 442 5.28 -26.36 31.11
C GLN B 442 6.36 -25.27 31.10
N ASP B 443 5.97 -24.04 30.75
CA ASP B 443 6.91 -22.93 30.72
C ASP B 443 6.76 -22.03 31.92
N GLN B 444 6.04 -22.50 32.93
CA GLN B 444 5.63 -21.64 34.00
C GLN B 444 6.35 -22.00 35.30
N ALA B 445 6.44 -21.03 36.21
CA ALA B 445 6.97 -21.26 37.55
C ALA B 445 5.91 -20.95 38.62
N GLN B 446 5.86 -21.79 39.63
CA GLN B 446 4.96 -21.55 40.74
C GLN B 446 5.67 -20.64 41.73
N ILE B 447 4.96 -19.62 42.20
CA ILE B 447 5.45 -18.80 43.29
C ILE B 447 4.37 -18.63 44.33
N ALA B 448 4.66 -19.01 45.56
CA ALA B 448 3.69 -18.86 46.63
C ALA B 448 4.18 -17.86 47.67
N ILE B 449 3.27 -17.04 48.13
CA ILE B 449 3.57 -16.15 49.24
CA ILE B 449 3.54 -16.13 49.23
C ILE B 449 2.80 -16.62 50.47
N ARG B 450 3.53 -17.23 51.40
CA ARG B 450 2.97 -17.79 52.63
C ARG B 450 2.49 -16.70 53.60
N HIS B 451 1.31 -16.90 54.18
CA HIS B 451 0.86 -16.09 55.31
C HIS B 451 0.51 -14.63 54.99
N VAL B 452 -0.34 -14.43 53.98
CA VAL B 452 -0.81 -13.10 53.64
C VAL B 452 -1.93 -12.73 54.60
N PRO B 453 -1.78 -11.59 55.29
CA PRO B 453 -2.81 -11.16 56.24
C PRO B 453 -4.16 -11.17 55.54
N ASP B 454 -5.13 -11.83 56.14
CA ASP B 454 -6.44 -11.98 55.50
C ASP B 454 -7.32 -10.76 55.74
N ARG B 455 -6.93 -9.64 55.13
CA ARG B 455 -7.65 -8.38 55.23
C ARG B 455 -7.60 -7.67 53.87
N PRO B 456 -8.58 -6.80 53.59
CA PRO B 456 -8.70 -6.15 52.28
C PRO B 456 -7.42 -5.44 51.82
N GLY B 457 -7.13 -5.50 50.53
CA GLY B 457 -6.01 -4.77 49.98
C GLY B 457 -4.68 -5.50 49.93
N MET B 458 -4.57 -6.64 50.59
CA MET B 458 -3.31 -7.38 50.58
C MET B 458 -2.97 -7.95 49.20
N ALA B 459 -3.88 -8.73 48.61
CA ALA B 459 -3.70 -9.26 47.27
C ALA B 459 -3.50 -8.12 46.26
N ALA B 460 -4.24 -7.04 46.44
CA ALA B 460 -4.13 -5.88 45.56
C ALA B 460 -2.69 -5.40 45.55
N GLN B 461 -2.11 -5.25 46.74
CA GLN B 461 -0.81 -4.65 46.84
C GLN B 461 0.30 -5.55 46.30
N LEU B 462 0.13 -6.85 46.47
CA LEU B 462 1.11 -7.79 45.94
C LEU B 462 1.03 -7.85 44.41
N PHE B 463 -0.18 -7.92 43.89
CA PHE B 463 -0.34 -8.06 42.44
C PHE B 463 -0.22 -6.76 41.67
N THR B 464 -0.48 -5.64 42.33
CA THR B 464 -0.21 -4.34 41.72
C THR B 464 1.29 -4.18 41.50
N ALA B 465 2.08 -4.59 42.49
CA ALA B 465 3.53 -4.48 42.41
C ALA B 465 4.06 -5.19 41.19
N LEU B 466 3.65 -6.45 41.01
CA LEU B 466 4.12 -7.25 39.89
C LEU B 466 3.69 -6.62 38.56
N ALA B 467 2.49 -6.05 38.55
CA ALA B 467 1.91 -5.53 37.32
C ALA B 467 2.60 -4.22 36.92
N GLU B 468 3.09 -3.49 37.91
CA GLU B 468 3.75 -2.23 37.63
C GLU B 468 5.12 -2.49 37.00
N ALA B 469 5.59 -3.72 37.13
CA ALA B 469 6.86 -4.15 36.53
C ALA B 469 6.59 -4.89 35.22
N ASN B 470 5.35 -4.85 34.74
CA ASN B 470 5.00 -5.44 33.44
C ASN B 470 5.03 -6.96 33.42
N ILE B 471 5.07 -7.58 34.60
CA ILE B 471 4.95 -9.04 34.68
C ILE B 471 3.48 -9.47 34.65
N SER B 472 3.11 -10.23 33.61
CA SER B 472 1.76 -10.77 33.49
C SER B 472 1.66 -12.09 34.26
N VAL B 473 0.55 -12.27 34.99
CA VAL B 473 0.40 -13.52 35.75
C VAL B 473 -0.63 -14.47 35.14
N ASP B 474 -0.31 -15.76 35.19
CA ASP B 474 -1.10 -16.78 34.49
C ASP B 474 -2.14 -17.43 35.38
N MET B 475 -1.79 -17.64 36.64
CA MET B 475 -2.69 -18.30 37.58
C MET B 475 -2.60 -17.69 38.97
N ILE B 476 -3.72 -17.60 39.66
CA ILE B 476 -3.74 -17.20 41.06
C ILE B 476 -4.69 -18.10 41.82
N ILE B 477 -4.19 -18.73 42.89
CA ILE B 477 -5.01 -19.63 43.68
C ILE B 477 -4.92 -19.31 45.16
N GLN B 478 -6.08 -19.15 45.78
CA GLN B 478 -6.14 -18.83 47.20
C GLN B 478 -7.31 -19.59 47.82
N SER B 479 -7.02 -20.31 48.90
CA SER B 479 -8.04 -21.16 49.50
C SER B 479 -8.35 -20.82 50.95
N GLN B 480 -7.99 -21.73 51.86
CA GLN B 480 -8.37 -21.58 53.25
C GLN B 480 -7.47 -20.64 54.06
N ARG B 481 -7.92 -20.27 55.25
CA ARG B 481 -7.05 -19.64 56.23
C ARG B 481 -5.97 -20.62 56.71
N CYS B 482 -4.75 -20.12 56.87
CA CYS B 482 -3.66 -20.95 57.35
C CYS B 482 -3.92 -21.48 58.77
N ARG B 483 -3.55 -22.74 58.96
CA ARG B 483 -3.53 -23.34 60.30
CA ARG B 483 -3.48 -23.38 60.27
C ARG B 483 -2.43 -22.65 61.11
N ILE B 484 -2.79 -21.59 61.79
CA ILE B 484 -1.77 -20.82 62.47
C ILE B 484 -1.72 -21.16 63.96
N ASN B 485 -0.50 -21.20 64.50
CA ASN B 485 -0.34 -21.40 65.93
C ASN B 485 -0.85 -20.18 66.66
N GLN B 486 -0.24 -19.02 66.37
CA GLN B 486 -0.88 -17.74 66.66
C GLN B 486 -0.35 -16.53 65.89
N GLY B 487 -1.13 -15.46 65.93
CA GLY B 487 -0.99 -14.34 65.02
C GLY B 487 -2.40 -14.10 64.51
N THR B 488 -2.59 -13.13 63.63
CA THR B 488 -3.95 -12.93 63.11
C THR B 488 -4.20 -13.81 61.87
N PRO B 489 -5.48 -14.01 61.54
CA PRO B 489 -5.81 -14.83 60.36
C PRO B 489 -5.12 -14.34 59.10
N CYS B 490 -4.77 -15.29 58.25
CA CYS B 490 -4.07 -15.00 57.01
C CYS B 490 -4.28 -16.21 56.10
N ARG B 491 -3.97 -16.04 54.82
CA ARG B 491 -4.10 -17.12 53.85
C ARG B 491 -2.86 -17.14 52.97
N ASP B 492 -2.54 -18.30 52.43
CA ASP B 492 -1.45 -18.39 51.46
C ASP B 492 -2.00 -18.03 50.09
N ILE B 493 -1.16 -17.38 49.28
CA ILE B 493 -1.52 -17.04 47.91
C ILE B 493 -0.49 -17.64 46.98
N ALA B 494 -0.93 -18.57 46.13
CA ALA B 494 -0.06 -19.09 45.07
C ALA B 494 -0.43 -18.51 43.71
N PHE B 495 0.58 -18.31 42.87
CA PHE B 495 0.34 -17.83 41.52
C PHE B 495 1.42 -18.36 40.59
N MET B 496 1.18 -18.28 39.30
CA MET B 496 2.16 -18.76 38.33
C MET B 496 2.57 -17.70 37.33
N VAL B 497 3.85 -17.70 37.01
CA VAL B 497 4.41 -16.81 35.97
C VAL B 497 5.40 -17.57 35.09
N ALA B 498 5.72 -16.99 33.94
CA ALA B 498 6.77 -17.56 33.10
C ALA B 498 8.08 -17.66 33.86
N GLU B 499 8.76 -18.81 33.76
CA GLU B 499 10.03 -19.02 34.45
C GLU B 499 11.03 -17.86 34.25
N GLY B 500 10.94 -17.19 33.10
CA GLY B 500 11.72 -15.99 32.84
C GLY B 500 11.47 -14.89 33.86
N ASP B 501 10.24 -14.81 34.35
CA ASP B 501 9.88 -13.75 35.28
C ASP B 501 10.02 -14.18 36.73
N SER B 502 10.35 -15.45 36.93
CA SER B 502 10.47 -16.06 38.26
C SER B 502 11.23 -15.17 39.23
N SER B 503 12.49 -14.96 38.92
CA SER B 503 13.42 -14.24 39.77
C SER B 503 12.96 -12.81 40.05
N GLN B 504 12.71 -12.04 38.99
CA GLN B 504 12.25 -10.69 39.18
C GLN B 504 11.00 -10.65 40.08
N ALA B 505 10.06 -11.56 39.85
CA ALA B 505 8.84 -11.61 40.67
C ALA B 505 9.15 -11.78 42.16
N GLU B 506 9.97 -12.78 42.48
CA GLU B 506 10.41 -13.02 43.85
C GLU B 506 11.05 -11.75 44.41
N ALA B 507 11.95 -11.18 43.61
CA ALA B 507 12.69 -9.99 43.98
C ALA B 507 11.80 -8.78 44.25
N ILE B 508 10.70 -8.68 43.52
CA ILE B 508 9.74 -7.60 43.74
C ILE B 508 8.97 -7.77 45.06
N LEU B 509 8.55 -8.99 45.34
CA LEU B 509 7.66 -9.25 46.48
C LEU B 509 8.36 -9.33 47.84
N GLN B 510 9.63 -9.75 47.86
CA GLN B 510 10.35 -9.94 49.13
C GLN B 510 10.30 -8.72 50.08
N PRO B 511 10.59 -7.52 49.55
CA PRO B 511 10.41 -6.26 50.30
C PRO B 511 9.02 -6.09 50.94
N LEU B 512 7.98 -6.45 50.20
CA LEU B 512 6.61 -6.11 50.60
C LEU B 512 6.10 -6.94 51.75
N ILE B 513 6.75 -8.06 52.02
CA ILE B 513 6.29 -8.92 53.11
C ILE B 513 7.19 -8.78 54.31
N LYS B 514 8.22 -7.96 54.19
CA LYS B 514 9.24 -7.83 55.23
C LYS B 514 8.64 -7.87 56.64
N ASP B 515 7.57 -7.11 56.86
CA ASP B 515 6.97 -7.05 58.19
C ASP B 515 5.56 -7.65 58.24
N TRP B 516 5.38 -8.77 57.55
CA TRP B 516 4.22 -9.63 57.78
C TRP B 516 4.69 -10.82 58.62
N LEU B 517 4.08 -11.01 59.80
CA LEU B 517 4.48 -12.12 60.66
C LEU B 517 4.49 -13.45 59.91
N ASP B 518 5.66 -14.08 59.87
CA ASP B 518 5.81 -15.41 59.26
C ASP B 518 5.54 -15.46 57.75
N ALA B 519 5.48 -14.31 57.10
CA ALA B 519 5.29 -14.30 55.65
C ALA B 519 6.53 -14.89 55.00
N ALA B 520 6.40 -15.35 53.76
CA ALA B 520 7.53 -15.95 53.06
C ALA B 520 7.22 -16.13 51.58
N ILE B 521 8.27 -16.16 50.77
CA ILE B 521 8.11 -16.37 49.35
C ILE B 521 8.88 -17.62 48.97
N VAL B 522 8.20 -18.56 48.31
CA VAL B 522 8.84 -19.77 47.87
C VAL B 522 8.49 -20.03 46.41
N VAL B 523 9.51 -20.26 45.61
CA VAL B 523 9.28 -20.58 44.21
C VAL B 523 9.61 -22.04 43.91
N ASN B 524 8.82 -22.62 43.02
CA ASN B 524 9.00 -23.99 42.57
C ASN B 524 8.85 -24.01 41.06
N LYS B 525 9.98 -24.18 40.37
CA LYS B 525 10.01 -24.09 38.90
C LYS B 525 9.52 -25.37 38.25
N ALA B 526 9.62 -26.49 38.96
CA ALA B 526 9.35 -27.79 38.37
C ALA B 526 7.88 -28.19 38.42
N ILE B 527 7.04 -27.42 37.74
CA ILE B 527 5.62 -27.71 37.68
C ILE B 527 5.09 -27.70 36.25
N ALA B 528 4.03 -28.46 36.01
CA ALA B 528 3.31 -28.43 34.75
C ALA B 528 1.85 -28.19 35.08
N LYS B 529 1.14 -27.56 34.16
CA LYS B 529 -0.30 -27.37 34.31
C LYS B 529 -1.08 -28.15 33.27
N VAL B 530 -1.98 -29.00 33.75
CA VAL B 530 -2.81 -29.81 32.88
C VAL B 530 -4.23 -29.29 33.02
N SER B 531 -4.87 -29.04 31.88
CA SER B 531 -6.20 -28.48 31.89
C SER B 531 -7.15 -29.27 30.99
N ILE B 532 -8.38 -29.44 31.44
CA ILE B 532 -9.44 -29.94 30.57
C ILE B 532 -10.48 -28.84 30.44
N VAL B 533 -11.08 -28.72 29.26
CA VAL B 533 -12.09 -27.70 28.98
C VAL B 533 -13.29 -28.32 28.29
N GLY B 534 -14.48 -27.86 28.65
CA GLY B 534 -15.68 -28.44 28.11
C GLY B 534 -16.91 -27.74 28.65
N SER B 535 -17.75 -27.26 27.74
CA SER B 535 -18.97 -26.59 28.10
C SER B 535 -19.97 -27.56 28.71
N GLY B 536 -19.80 -28.84 28.38
CA GLY B 536 -20.71 -29.85 28.87
C GLY B 536 -20.54 -30.19 30.33
N MET B 537 -19.52 -29.65 31.00
CA MET B 537 -19.22 -30.05 32.38
C MET B 537 -20.12 -29.32 33.37
N ILE B 538 -20.81 -28.29 32.88
CA ILE B 538 -21.77 -27.54 33.68
C ILE B 538 -23.02 -28.35 34.01
N GLY B 539 -23.33 -28.50 35.29
CA GLY B 539 -24.48 -29.28 35.68
C GLY B 539 -24.30 -30.74 35.34
N HIS B 540 -23.06 -31.20 35.40
CA HIS B 540 -22.73 -32.57 35.04
C HIS B 540 -21.80 -33.17 36.11
N PRO B 541 -22.36 -33.88 37.08
CA PRO B 541 -21.53 -34.38 38.18
C PRO B 541 -20.49 -35.38 37.72
N GLY B 542 -19.33 -35.40 38.39
CA GLY B 542 -18.33 -36.41 38.11
C GLY B 542 -17.30 -36.11 37.04
N VAL B 543 -17.36 -34.94 36.41
CA VAL B 543 -16.32 -34.57 35.46
C VAL B 543 -14.97 -34.37 36.16
N ALA B 544 -14.94 -33.47 37.13
CA ALA B 544 -13.71 -33.27 37.89
C ALA B 544 -13.23 -34.61 38.47
N ALA B 545 -14.17 -35.44 38.93
CA ALA B 545 -13.78 -36.67 39.60
C ALA B 545 -13.04 -37.58 38.62
N HIS B 546 -13.58 -37.69 37.41
CA HIS B 546 -12.94 -38.48 36.38
C HIS B 546 -11.54 -38.00 36.07
N PHE B 547 -11.40 -36.68 35.96
CA PHE B 547 -10.11 -36.06 35.70
C PHE B 547 -9.08 -36.43 36.79
N PHE B 548 -9.41 -36.13 38.04
CA PHE B 548 -8.53 -36.49 39.17
C PHE B 548 -8.20 -37.97 39.26
N ALA B 549 -9.19 -38.82 38.99
CA ALA B 549 -8.98 -40.26 39.04
C ALA B 549 -7.97 -40.69 38.00
N ALA B 550 -8.01 -40.01 36.85
CA ALA B 550 -7.12 -40.32 35.76
C ALA B 550 -5.67 -40.07 36.15
N LEU B 551 -5.44 -39.03 36.93
CA LEU B 551 -4.09 -38.68 37.33
C LEU B 551 -3.59 -39.60 38.44
N ALA B 552 -4.50 -39.99 39.35
CA ALA B 552 -4.13 -40.86 40.46
C ALA B 552 -3.77 -42.26 39.96
N GLN B 553 -4.50 -42.74 38.96
CA GLN B 553 -4.25 -44.08 38.40
C GLN B 553 -2.86 -44.18 37.79
N GLU B 554 -2.30 -43.03 37.46
CA GLU B 554 -0.93 -42.94 36.98
C GLU B 554 0.01 -42.57 38.13
N ASN B 555 -0.52 -42.62 39.36
CA ASN B 555 0.22 -42.19 40.55
C ASN B 555 0.83 -40.80 40.38
N ILE B 556 0.00 -39.85 39.98
CA ILE B 556 0.42 -38.47 39.78
C ILE B 556 -0.20 -37.58 40.86
N ASN B 557 0.66 -36.89 41.60
CA ASN B 557 0.16 -36.05 42.68
C ASN B 557 -0.35 -34.72 42.16
N ILE B 558 -1.47 -34.27 42.72
CA ILE B 558 -2.06 -32.99 42.33
C ILE B 558 -1.65 -31.91 43.34
N GLU B 559 -0.80 -30.99 42.90
CA GLU B 559 -0.28 -29.96 43.81
C GLU B 559 -1.26 -28.82 44.05
N MET B 560 -1.94 -28.37 42.98
CA MET B 560 -2.93 -27.31 43.08
C MET B 560 -4.06 -27.57 42.09
N ILE B 561 -5.25 -27.06 42.43
CA ILE B 561 -6.39 -27.14 41.53
C ILE B 561 -7.03 -25.78 41.45
N ALA B 562 -7.45 -25.41 40.25
CA ALA B 562 -8.19 -24.17 39.99
C ALA B 562 -9.21 -24.37 38.88
N THR B 563 -10.30 -23.62 38.96
CA THR B 563 -11.48 -23.93 38.17
C THR B 563 -12.15 -22.68 37.55
N SER B 564 -12.86 -22.88 36.44
CA SER B 564 -13.99 -22.01 36.09
C SER B 564 -15.15 -22.96 35.78
N GLU B 565 -16.27 -22.44 35.32
CA GLU B 565 -17.40 -23.32 35.06
C GLU B 565 -17.09 -24.39 34.00
N ILE B 566 -16.10 -24.15 33.14
CA ILE B 566 -15.88 -25.04 31.99
C ILE B 566 -14.42 -25.44 31.81
N LYS B 567 -13.56 -24.97 32.71
CA LYS B 567 -12.15 -25.34 32.73
C LYS B 567 -11.72 -25.83 34.12
N ILE B 568 -11.05 -26.98 34.17
CA ILE B 568 -10.36 -27.44 35.35
C ILE B 568 -8.87 -27.51 35.02
N SER B 569 -8.05 -26.89 35.87
CA SER B 569 -6.59 -27.00 35.79
C SER B 569 -6.02 -27.71 37.03
N CYS B 570 -5.11 -28.65 36.82
CA CYS B 570 -4.33 -29.21 37.92
C CYS B 570 -2.86 -28.85 37.73
N VAL B 571 -2.26 -28.30 38.79
CA VAL B 571 -0.80 -28.16 38.81
C VAL B 571 -0.18 -29.48 39.24
N VAL B 572 0.95 -29.80 38.66
CA VAL B 572 1.46 -31.15 38.70
C VAL B 572 2.99 -31.11 38.58
N PRO B 573 3.67 -32.18 38.99
CA PRO B 573 5.13 -32.16 38.85
C PRO B 573 5.58 -32.09 37.37
N GLN B 574 6.53 -31.21 37.06
CA GLN B 574 6.99 -31.00 35.67
C GLN B 574 7.39 -32.28 34.95
N ASP B 575 8.09 -33.15 35.67
CA ASP B 575 8.55 -34.42 35.14
CA ASP B 575 8.56 -34.39 35.07
C ASP B 575 7.37 -35.32 34.77
N ARG B 576 6.16 -34.79 34.96
CA ARG B 576 4.97 -35.60 34.71
CA ARG B 576 4.94 -35.58 34.79
C ARG B 576 3.85 -34.89 33.95
N GLY B 577 4.12 -33.68 33.48
CA GLY B 577 3.16 -32.96 32.67
C GLY B 577 2.69 -33.74 31.45
N VAL B 578 3.63 -34.26 30.67
CA VAL B 578 3.28 -35.04 29.50
C VAL B 578 2.45 -36.28 29.87
N ASP B 579 2.89 -37.02 30.88
CA ASP B 579 2.14 -38.20 31.30
C ASP B 579 0.71 -37.80 31.69
N ALA B 580 0.59 -36.68 32.39
CA ALA B 580 -0.71 -36.23 32.86
C ALA B 580 -1.60 -35.81 31.69
N LEU B 581 -1.01 -35.16 30.68
CA LEU B 581 -1.77 -34.78 29.49
C LEU B 581 -2.33 -36.01 28.77
N LYS B 582 -1.51 -37.03 28.61
CA LYS B 582 -1.93 -38.25 27.93
C LYS B 582 -3.06 -38.93 28.69
N ALA B 583 -2.93 -39.01 30.01
CA ALA B 583 -3.98 -39.53 30.88
C ALA B 583 -5.33 -38.78 30.72
N ALA B 584 -5.29 -37.45 30.72
CA ALA B 584 -6.51 -36.67 30.55
C ALA B 584 -7.09 -36.88 29.16
N HIS B 585 -6.21 -36.99 28.17
CA HIS B 585 -6.60 -37.17 26.79
C HIS B 585 -7.40 -38.47 26.64
N SER B 586 -6.86 -39.54 27.24
CA SER B 586 -7.46 -40.87 27.21
C SER B 586 -8.69 -41.00 28.10
N ALA B 587 -8.62 -40.41 29.30
CA ALA B 587 -9.74 -40.44 30.22
C ALA B 587 -11.01 -39.92 29.55
N PHE B 588 -10.86 -38.87 28.75
CA PHE B 588 -12.01 -38.29 28.09
C PHE B 588 -12.06 -38.62 26.61
N ASN B 589 -11.12 -39.45 26.16
CA ASN B 589 -11.14 -40.03 24.82
C ASN B 589 -10.91 -39.08 23.64
N LEU B 590 -9.90 -38.22 23.75
CA LEU B 590 -9.62 -37.20 22.73
C LEU B 590 -9.21 -37.76 21.38
N ALA B 591 -8.74 -39.01 21.36
CA ALA B 591 -8.24 -39.64 20.14
C ALA B 591 -9.41 -40.09 19.30
N GLY B 592 -10.54 -40.28 19.97
CA GLY B 592 -11.75 -40.72 19.29
C GLY B 592 -11.69 -42.20 19.03
N THR B 593 -12.28 -42.62 17.91
CA THR B 593 -12.45 -44.04 17.70
C THR B 593 -12.27 -44.50 16.26
N LYS B 594 -11.26 -45.34 16.06
CA LYS B 594 -11.04 -45.94 14.76
C LYS B 594 -11.80 -47.24 14.71
N THR B 595 -11.89 -47.88 13.54
CA THR B 595 -12.63 -49.13 13.42
C THR B 595 -11.94 -50.14 12.50
N VAL B 596 -12.19 -51.42 12.76
CA VAL B 596 -11.34 -52.48 12.24
C VAL B 596 -12.09 -53.71 11.75
N THR B 597 -11.62 -54.22 10.61
CA THR B 597 -12.23 -55.39 10.01
C THR B 597 -12.03 -56.59 10.94
N VAL B 598 -13.11 -56.99 11.62
CA VAL B 598 -13.12 -58.29 12.30
C VAL B 598 -13.38 -59.39 11.27
N PRO B 599 -12.39 -60.27 11.08
CA PRO B 599 -12.32 -61.28 10.01
C PRO B 599 -13.26 -62.50 10.17
N ALA B 600 -12.88 -63.61 9.53
CA ALA B 600 -13.69 -64.85 9.49
C ALA B 600 -15.14 -64.66 9.91
N THR C . 19.82 16.88 -50.45
CA THR C . 20.06 18.32 -50.55
C THR C . 21.14 18.80 -49.58
O THR C . 21.66 17.99 -48.79
CB THR C . 18.77 19.15 -50.35
OG1 THR C . 18.25 18.91 -49.03
CG2 THR C . 17.72 18.72 -51.37
OXT THR C . 21.53 19.97 -49.61
N THR D . -4.50 17.75 -48.63
CA THR D . -4.69 16.47 -47.98
C THR D . -5.56 16.64 -46.75
O THR D . -5.86 17.78 -46.35
CB THR D . -3.35 15.83 -47.54
OG1 THR D . -2.69 16.71 -46.61
CG2 THR D . -2.46 15.56 -48.77
OXT THR D . -5.98 15.63 -46.15
N LYS E . 14.85 31.60 -38.02
CA LYS E . 16.05 30.79 -38.20
C LYS E . 16.72 31.14 -39.53
O LYS E . 16.20 31.94 -40.31
CB LYS E . 15.74 29.29 -38.10
CG LYS E . 14.64 28.78 -39.08
CD LYS E . 14.41 27.27 -38.90
CE LYS E . 13.58 26.96 -37.66
NZ LYS E . 12.29 27.75 -37.67
OXT LYS E . 17.81 30.65 -39.84
N LYS F . 3.27 10.91 -31.56
CA LYS F . 2.14 11.68 -32.09
C LYS F . 1.13 10.84 -32.86
O LYS F . 1.46 9.71 -33.29
CB LYS F . 2.64 12.84 -32.97
CG LYS F . 3.44 13.89 -32.19
CD LYS F . 4.28 14.79 -33.10
CE LYS F . 5.61 14.14 -33.41
NZ LYS F . 6.77 14.95 -32.93
OXT LYS F . -0.02 11.29 -33.04
S SO4 G . 14.30 14.43 -61.80
O1 SO4 G . 13.15 13.98 -61.06
O2 SO4 G . 14.96 15.63 -61.36
O3 SO4 G . 15.26 13.36 -61.69
O4 SO4 G . 13.82 14.77 -63.11
N THR H . -8.05 -11.13 52.31
CA THR H . -6.98 -10.87 51.38
C THR H . -7.33 -9.73 50.40
O THR H . -8.49 -9.33 50.24
CB THR H . -6.60 -12.16 50.65
OG1 THR H . -5.23 -12.49 50.93
CG2 THR H . -6.80 -12.04 49.17
OXT THR H . -6.45 -9.16 49.75
N THR I . -2.55 -34.13 46.03
CA THR I . -3.71 -34.88 46.48
C THR I . -4.20 -35.80 45.36
O THR I . -3.50 -35.93 44.36
CB THR I . -4.83 -33.93 47.00
OG1 THR I . -5.55 -33.37 45.89
CG2 THR I . -4.22 -32.79 47.83
OXT THR I . -5.28 -36.42 45.41
N LYS J . -19.68 -29.57 37.30
CA LYS J . -18.62 -30.49 36.94
C LYS J . -18.52 -31.59 37.98
O LYS J . -19.41 -31.70 38.82
CB LYS J . -17.29 -29.75 36.86
CG LYS J . -16.88 -29.11 38.18
CD LYS J . -15.46 -28.52 38.07
CE LYS J . -15.44 -27.36 37.09
NZ LYS J . -16.34 -26.22 37.46
OXT LYS J . -17.55 -32.36 38.00
N LYS K . -2.65 -11.84 33.18
CA LYS K . -3.64 -11.17 34.01
C LYS K . -2.88 -10.28 34.98
O LYS K . -1.66 -10.42 35.01
CB LYS K . -4.47 -12.22 34.76
CG LYS K . -4.97 -13.36 33.86
CD LYS K . -5.38 -14.58 34.69
CE LYS K . -6.08 -15.63 33.85
NZ LYS K . -5.19 -16.76 33.45
OXT LYS K . -3.40 -9.42 35.71
#